data_6LZX
#
_entry.id   6LZX
#
_cell.length_a   93.173
_cell.length_b   103.298
_cell.length_c   110.383
_cell.angle_alpha   90.000
_cell.angle_beta   90.000
_cell.angle_gamma   90.000
#
_symmetry.space_group_name_H-M   'P 21 21 21'
#
loop_
_entity.id
_entity.type
_entity.pdbx_description
1 polymer Glycosyltransferase
2 non-polymer 1,4,7,10,13-pentaoxacyclopentadecane
3 non-polymer 'SODIUM ION'
4 non-polymer 'BROMIDE ION'
5 non-polymer 1,2-ETHANEDIOL
6 water water
#
_entity_poly.entity_id   1
_entity_poly.type   'polypeptide(L)'
_entity_poly.pdbx_seq_one_letter_code
;MNHKVHHHHHHLQENLYFQGMGAEPQQLHVVFFPIMAHGHMIPTLDIARLFAARNVRATIITTPLNAHTFTKAIEMGKKN
GSPTIHLELFKFPAQDVGLPEGCENLEQALGSSLIEKFFKGVGLLREQLEAYLEKTRPNCLVADMFFPWATDSAAKFNIP
RLVFHGTSFFSLCALEVVRLYEPHKNVSSDEELFSLPLFPHDIKMMRLQLPEDVWKHEKAEGKTRLKLIKESELKSYGVI
VNSFYELEPNYAEFFRKELGRRAWNIGPVSLCNRSTEDKAQRGKQTSIDEHECLKWLNSKKKNSVIYICFGSTAHQIAPQ
LYEIAMALEASGQEFIWVVRNNNNNDDDDDDSWLPRGFEQRVEGKGLIIRGWAPQVLILEHEAIGAFVTHCGWNSTLEGI
TAGVPMVTWPIFAEQFYNEKLVNQILKIGVPVGANKWSRETSIEDVIKKDAIEKALREIMVGDEAEERRSRAKKLKEMAW
KAVEEGGSSYSDLSALIEELRGYHA
;
_entity_poly.pdbx_strand_id   A,B
#
loop_
_chem_comp.id
_chem_comp.type
_chem_comp.name
_chem_comp.formula
BR non-polymer 'BROMIDE ION' 'Br -1'
EDO non-polymer 1,2-ETHANEDIOL 'C2 H6 O2'
EYO non-polymer 1,4,7,10,13-pentaoxacyclopentadecane 'C10 H20 O5'
NA non-polymer 'SODIUM ION' 'Na 1'
#
# COMPACT_ATOMS: atom_id res chain seq x y z
N GLN A 27 -31.61 9.88 -0.93
CA GLN A 27 -31.30 8.41 -0.87
C GLN A 27 -29.88 8.18 -1.39
N LEU A 28 -29.12 7.37 -0.69
CA LEU A 28 -27.74 7.01 -1.12
C LEU A 28 -27.85 5.98 -2.25
N HIS A 29 -26.97 6.05 -3.27
CA HIS A 29 -26.98 5.15 -4.45
C HIS A 29 -25.62 4.47 -4.61
N VAL A 30 -25.58 3.13 -4.56
CA VAL A 30 -24.32 2.36 -4.78
C VAL A 30 -24.48 1.53 -6.04
N VAL A 31 -23.53 1.63 -6.96
CA VAL A 31 -23.49 0.82 -8.20
C VAL A 31 -22.56 -0.37 -7.96
N PHE A 32 -23.01 -1.57 -8.33
CA PHE A 32 -22.24 -2.83 -8.19
C PHE A 32 -21.86 -3.33 -9.58
N PHE A 33 -20.55 -3.50 -9.81
CA PHE A 33 -19.98 -3.86 -11.13
C PHE A 33 -19.16 -5.15 -10.99
N PRO A 34 -19.81 -6.33 -10.94
CA PRO A 34 -19.10 -7.60 -10.87
C PRO A 34 -18.64 -8.09 -12.24
N ILE A 35 -17.64 -8.96 -12.24
CA ILE A 35 -17.20 -9.64 -13.49
C ILE A 35 -18.24 -10.73 -13.82
N MET A 36 -18.37 -11.09 -15.08
CA MET A 36 -19.40 -12.06 -15.49
C MET A 36 -18.88 -13.48 -15.20
N ALA A 37 -18.83 -13.86 -13.91
CA ALA A 37 -18.55 -15.22 -13.38
C ALA A 37 -19.56 -15.51 -12.27
N HIS A 38 -20.18 -16.69 -12.24
CA HIS A 38 -21.35 -17.01 -11.36
C HIS A 38 -20.96 -16.86 -9.88
N GLY A 39 -19.68 -17.13 -9.56
CA GLY A 39 -19.09 -17.04 -8.21
C GLY A 39 -18.84 -15.60 -7.75
N HIS A 40 -18.78 -14.63 -8.67
CA HIS A 40 -18.67 -13.19 -8.31
C HIS A 40 -20.07 -12.59 -8.28
N MET A 41 -20.90 -13.00 -9.22
CA MET A 41 -22.22 -12.41 -9.51
C MET A 41 -23.18 -12.69 -8.36
N ILE A 42 -23.25 -13.91 -7.87
CA ILE A 42 -24.25 -14.29 -6.84
C ILE A 42 -23.93 -13.56 -5.52
N PRO A 43 -22.68 -13.61 -5.03
CA PRO A 43 -22.33 -12.86 -3.84
C PRO A 43 -22.55 -11.36 -4.03
N THR A 44 -22.36 -10.84 -5.24
CA THR A 44 -22.51 -9.39 -5.51
C THR A 44 -24.00 -9.05 -5.35
N LEU A 45 -24.87 -9.91 -5.85
CA LEU A 45 -26.32 -9.71 -5.68
C LEU A 45 -26.66 -9.66 -4.19
N ASP A 46 -26.17 -10.65 -3.44
CA ASP A 46 -26.42 -10.73 -1.98
C ASP A 46 -25.93 -9.43 -1.33
N ILE A 47 -24.75 -8.94 -1.67
CA ILE A 47 -24.27 -7.65 -1.08
C ILE A 47 -25.27 -6.56 -1.46
N ALA A 48 -25.74 -6.51 -2.71
CA ALA A 48 -26.68 -5.46 -3.17
C ALA A 48 -27.94 -5.51 -2.31
N ARG A 49 -28.40 -6.71 -1.93
CA ARG A 49 -29.62 -6.90 -1.11
C ARG A 49 -29.40 -6.35 0.30
N LEU A 50 -28.20 -6.57 0.86
CA LEU A 50 -27.87 -6.12 2.22
C LEU A 50 -27.87 -4.58 2.22
N PHE A 51 -27.36 -3.96 1.16
CA PHE A 51 -27.39 -2.48 1.02
C PHE A 51 -28.85 -2.03 0.87
N ALA A 52 -29.65 -2.74 0.09
CA ALA A 52 -31.06 -2.36 -0.18
C ALA A 52 -31.82 -2.35 1.15
N ALA A 53 -31.69 -3.42 1.94
CA ALA A 53 -32.34 -3.60 3.26
C ALA A 53 -32.03 -2.47 4.25
N ARG A 54 -30.96 -1.68 4.05
CA ARG A 54 -30.64 -0.45 4.83
C ARG A 54 -31.05 0.84 4.10
N ASN A 55 -31.98 0.75 3.14
CA ASN A 55 -32.57 1.89 2.39
C ASN A 55 -31.52 2.57 1.49
N VAL A 56 -30.62 1.80 0.90
CA VAL A 56 -29.64 2.27 -0.12
C VAL A 56 -30.13 1.80 -1.49
N ARG A 57 -30.19 2.69 -2.47
CA ARG A 57 -30.51 2.32 -3.86
C ARG A 57 -29.32 1.49 -4.36
N ALA A 58 -29.60 0.29 -4.84
CA ALA A 58 -28.59 -0.66 -5.34
C ALA A 58 -28.85 -0.87 -6.82
N THR A 59 -27.85 -0.60 -7.66
CA THR A 59 -27.89 -0.97 -9.09
C THR A 59 -26.76 -1.96 -9.36
N ILE A 60 -27.03 -3.07 -10.04
CA ILE A 60 -25.99 -4.03 -10.49
C ILE A 60 -25.82 -3.85 -12.00
N ILE A 61 -24.58 -3.73 -12.47
CA ILE A 61 -24.23 -3.75 -13.92
C ILE A 61 -23.94 -5.20 -14.31
N THR A 62 -24.62 -5.67 -15.35
CA THR A 62 -24.42 -7.01 -15.96
C THR A 62 -24.46 -6.83 -17.47
N THR A 63 -24.50 -7.94 -18.20
CA THR A 63 -24.55 -7.98 -19.67
C THR A 63 -25.85 -8.69 -20.04
N PRO A 64 -26.36 -8.56 -21.27
CA PRO A 64 -27.66 -9.14 -21.61
C PRO A 64 -27.77 -10.68 -21.48
N LEU A 65 -26.75 -11.47 -21.82
CA LEU A 65 -26.83 -12.95 -21.68
C LEU A 65 -26.66 -13.42 -20.22
N ASN A 66 -26.29 -12.53 -19.30
CA ASN A 66 -26.14 -12.84 -17.85
C ASN A 66 -27.33 -12.31 -17.05
N ALA A 67 -28.12 -11.39 -17.61
CA ALA A 67 -29.23 -10.72 -16.88
C ALA A 67 -30.15 -11.76 -16.22
N HIS A 68 -30.47 -12.86 -16.90
CA HIS A 68 -31.44 -13.91 -16.42
C HIS A 68 -31.08 -14.44 -15.01
N THR A 69 -29.79 -14.46 -14.66
CA THR A 69 -29.25 -14.99 -13.38
C THR A 69 -29.76 -14.10 -12.25
N PHE A 70 -29.62 -12.78 -12.44
CA PHE A 70 -30.01 -11.73 -11.47
C PHE A 70 -31.54 -11.69 -11.38
N THR A 71 -32.21 -11.70 -12.53
CA THR A 71 -33.70 -11.60 -12.68
C THR A 71 -34.41 -12.69 -11.88
N LYS A 72 -34.01 -13.94 -12.09
CA LYS A 72 -34.41 -15.16 -11.33
C LYS A 72 -34.34 -14.88 -9.83
N ALA A 73 -33.15 -14.63 -9.28
CA ALA A 73 -32.91 -14.41 -7.84
C ALA A 73 -33.73 -13.21 -7.30
N ILE A 74 -33.80 -12.11 -8.04
CA ILE A 74 -34.60 -10.88 -7.70
C ILE A 74 -36.08 -11.27 -7.57
N GLU A 75 -36.69 -11.79 -8.64
CA GLU A 75 -38.18 -11.92 -8.70
C GLU A 75 -38.61 -13.07 -7.78
N MET A 76 -37.82 -14.14 -7.65
CA MET A 76 -38.03 -15.23 -6.66
C MET A 76 -37.99 -14.65 -5.23
N GLY A 77 -36.95 -13.88 -4.92
CA GLY A 77 -36.74 -13.23 -3.60
C GLY A 77 -37.70 -12.08 -3.34
N LYS A 78 -38.09 -11.33 -4.39
CA LYS A 78 -39.04 -10.18 -4.34
C LYS A 78 -40.47 -10.74 -4.30
N LYS A 79 -41.50 -9.90 -4.44
CA LYS A 79 -42.93 -10.19 -4.12
C LYS A 79 -43.08 -10.33 -2.59
N ASN A 80 -42.00 -10.73 -1.90
CA ASN A 80 -41.93 -10.84 -0.42
C ASN A 80 -41.84 -9.45 0.22
N GLY A 81 -41.97 -8.38 -0.58
CA GLY A 81 -42.00 -6.98 -0.11
C GLY A 81 -40.62 -6.34 -0.10
N SER A 82 -39.57 -7.18 -0.05
CA SER A 82 -38.13 -6.79 0.09
C SER A 82 -37.74 -5.81 -1.03
N PRO A 83 -36.92 -4.77 -0.73
CA PRO A 83 -36.77 -3.64 -1.64
C PRO A 83 -36.24 -4.04 -3.04
N THR A 84 -36.52 -3.19 -4.03
CA THR A 84 -36.17 -3.41 -5.47
C THR A 84 -34.68 -3.14 -5.72
N ILE A 85 -34.03 -4.03 -6.48
CA ILE A 85 -32.63 -3.91 -6.99
C ILE A 85 -32.69 -3.67 -8.50
N HIS A 86 -32.06 -2.60 -8.99
CA HIS A 86 -32.07 -2.21 -10.43
C HIS A 86 -30.91 -2.88 -11.18
N LEU A 87 -31.11 -3.20 -12.46
CA LEU A 87 -30.09 -3.78 -13.38
C LEU A 87 -29.80 -2.75 -14.47
N GLU A 88 -28.53 -2.62 -14.84
CA GLU A 88 -28.05 -1.85 -16.00
C GLU A 88 -27.24 -2.82 -16.87
N LEU A 89 -27.56 -2.92 -18.15
CA LEU A 89 -26.91 -3.85 -19.10
C LEU A 89 -25.86 -3.09 -19.92
N PHE A 90 -24.66 -3.68 -20.03
CA PHE A 90 -23.56 -3.22 -20.90
C PHE A 90 -23.36 -4.22 -22.03
N LYS A 91 -22.99 -3.73 -23.21
CA LYS A 91 -22.64 -4.59 -24.36
C LYS A 91 -21.24 -5.13 -24.10
N PHE A 92 -21.11 -6.44 -24.04
CA PHE A 92 -19.81 -7.13 -23.97
C PHE A 92 -19.24 -7.24 -25.37
N PRO A 93 -18.04 -6.68 -25.66
CA PRO A 93 -17.47 -6.71 -27.00
C PRO A 93 -16.80 -8.06 -27.25
N ALA A 94 -17.62 -9.09 -27.42
CA ALA A 94 -17.20 -10.47 -27.73
C ALA A 94 -16.45 -10.47 -29.07
N GLN A 95 -17.01 -9.86 -30.12
CA GLN A 95 -16.49 -9.92 -31.51
C GLN A 95 -15.20 -9.11 -31.61
N ASP A 96 -15.19 -7.92 -31.00
CA ASP A 96 -14.04 -6.96 -30.94
C ASP A 96 -12.74 -7.64 -30.49
N VAL A 97 -12.79 -8.70 -29.68
CA VAL A 97 -11.60 -9.39 -29.12
C VAL A 97 -11.55 -10.86 -29.58
N GLY A 98 -12.48 -11.31 -30.43
CA GLY A 98 -12.40 -12.64 -31.07
C GLY A 98 -12.99 -13.75 -30.24
N LEU A 99 -13.96 -13.46 -29.37
CA LEU A 99 -14.77 -14.51 -28.68
C LEU A 99 -16.01 -14.79 -29.53
N PRO A 100 -16.65 -15.95 -29.37
CA PRO A 100 -18.01 -16.11 -29.88
C PRO A 100 -18.94 -15.05 -29.28
N GLU A 101 -19.95 -14.63 -30.02
CA GLU A 101 -20.98 -13.66 -29.57
C GLU A 101 -21.66 -14.20 -28.32
N GLY A 102 -21.78 -15.53 -28.18
CA GLY A 102 -22.45 -16.17 -27.05
C GLY A 102 -21.59 -16.25 -25.79
N CYS A 103 -20.34 -15.84 -25.86
CA CYS A 103 -19.37 -16.07 -24.77
C CYS A 103 -19.28 -14.82 -23.89
N GLU A 104 -20.26 -14.61 -23.00
CA GLU A 104 -20.37 -13.40 -22.13
C GLU A 104 -20.04 -13.72 -20.66
N ASN A 105 -19.51 -14.92 -20.35
CA ASN A 105 -19.32 -15.48 -18.98
C ASN A 105 -17.94 -16.11 -18.89
N LEU A 106 -17.18 -15.91 -17.80
CA LEU A 106 -15.84 -16.51 -17.57
C LEU A 106 -15.93 -18.05 -17.66
N GLU A 107 -17.14 -18.61 -17.47
CA GLU A 107 -17.37 -20.09 -17.50
C GLU A 107 -17.31 -20.62 -18.95
N GLN A 108 -17.55 -19.78 -19.95
CA GLN A 108 -17.53 -20.19 -21.40
C GLN A 108 -16.13 -19.98 -21.98
N ALA A 109 -15.26 -19.23 -21.29
CA ALA A 109 -13.86 -18.99 -21.69
C ALA A 109 -13.00 -20.15 -21.18
N LEU A 110 -13.24 -21.33 -21.80
CA LEU A 110 -12.55 -22.62 -21.51
C LEU A 110 -11.35 -22.77 -22.45
N GLY A 111 -10.19 -23.13 -21.90
CA GLY A 111 -8.92 -23.24 -22.64
C GLY A 111 -8.05 -22.02 -22.41
N SER A 112 -6.74 -22.20 -22.54
CA SER A 112 -5.68 -21.16 -22.39
C SER A 112 -6.10 -19.89 -23.16
N SER A 113 -6.54 -20.05 -24.41
CA SER A 113 -6.69 -18.98 -25.43
C SER A 113 -7.77 -17.96 -25.05
N LEU A 114 -8.95 -18.43 -24.61
CA LEU A 114 -10.21 -17.66 -24.50
C LEU A 114 -10.17 -16.77 -23.26
N ILE A 115 -9.62 -17.28 -22.15
CA ILE A 115 -9.49 -16.53 -20.87
C ILE A 115 -8.75 -15.21 -21.13
N GLU A 116 -7.69 -15.21 -21.94
CA GLU A 116 -6.93 -13.97 -22.27
C GLU A 116 -7.81 -13.00 -23.07
N LYS A 117 -8.61 -13.51 -23.99
CA LYS A 117 -9.56 -12.68 -24.81
C LYS A 117 -10.65 -12.14 -23.87
N PHE A 118 -11.13 -12.97 -22.95
CA PHE A 118 -12.19 -12.60 -21.97
C PHE A 118 -11.76 -11.38 -21.13
N PHE A 119 -10.51 -11.34 -20.64
CA PHE A 119 -9.97 -10.21 -19.82
C PHE A 119 -9.81 -8.96 -20.70
N LYS A 120 -9.29 -9.09 -21.92
CA LYS A 120 -9.24 -7.96 -22.88
C LYS A 120 -10.68 -7.47 -23.09
N GLY A 121 -11.61 -8.41 -23.19
CA GLY A 121 -13.05 -8.18 -23.28
C GLY A 121 -13.53 -7.25 -22.19
N VAL A 122 -13.37 -7.66 -20.94
CA VAL A 122 -13.98 -6.96 -19.77
C VAL A 122 -13.29 -5.61 -19.54
N GLY A 123 -12.01 -5.48 -19.88
CA GLY A 123 -11.23 -4.21 -19.80
C GLY A 123 -11.77 -3.16 -20.75
N LEU A 124 -12.36 -3.58 -21.87
CA LEU A 124 -13.02 -2.64 -22.82
C LEU A 124 -14.40 -2.24 -22.33
N LEU A 125 -14.82 -2.59 -21.10
CA LEU A 125 -16.12 -2.10 -20.56
C LEU A 125 -15.94 -0.70 -19.98
N ARG A 126 -14.70 -0.19 -19.98
CA ARG A 126 -14.34 1.09 -19.32
C ARG A 126 -15.18 2.23 -19.91
N GLU A 127 -15.24 2.33 -21.23
CA GLU A 127 -15.96 3.44 -21.94
C GLU A 127 -17.39 3.51 -21.37
N GLN A 128 -18.05 2.35 -21.29
CA GLN A 128 -19.46 2.27 -20.85
C GLN A 128 -19.54 2.63 -19.37
N LEU A 129 -18.59 2.19 -18.55
CA LEU A 129 -18.66 2.44 -17.08
C LEU A 129 -18.53 3.94 -16.85
N GLU A 130 -17.54 4.57 -17.49
CA GLU A 130 -17.31 6.03 -17.36
C GLU A 130 -18.57 6.79 -17.83
N ALA A 131 -19.18 6.37 -18.95
CA ALA A 131 -20.42 6.99 -19.49
C ALA A 131 -21.54 6.89 -18.45
N TYR A 132 -21.72 5.71 -17.85
CA TYR A 132 -22.86 5.42 -16.92
C TYR A 132 -22.67 6.24 -15.62
N LEU A 133 -21.42 6.44 -15.18
CA LEU A 133 -21.12 7.13 -13.89
C LEU A 133 -21.30 8.63 -14.11
N GLU A 134 -20.82 9.17 -15.24
CA GLU A 134 -21.07 10.57 -15.69
C GLU A 134 -22.58 10.82 -15.67
N LYS A 135 -23.39 9.94 -16.24
CA LYS A 135 -24.87 10.08 -16.34
C LYS A 135 -25.53 10.00 -14.95
N THR A 136 -25.24 8.99 -14.12
CA THR A 136 -26.07 8.66 -12.92
C THR A 136 -25.43 9.18 -11.62
N ARG A 137 -24.13 9.50 -11.59
CA ARG A 137 -23.46 10.13 -10.40
C ARG A 137 -23.84 9.41 -9.11
N PRO A 138 -23.57 8.09 -8.96
CA PRO A 138 -23.85 7.40 -7.68
C PRO A 138 -22.87 7.82 -6.60
N ASN A 139 -23.17 7.48 -5.34
CA ASN A 139 -22.35 7.89 -4.18
C ASN A 139 -21.13 6.96 -4.06
N CYS A 140 -21.21 5.70 -4.51
CA CYS A 140 -20.07 4.74 -4.45
C CYS A 140 -20.15 3.71 -5.58
N LEU A 141 -18.99 3.29 -6.09
CA LEU A 141 -18.85 2.13 -7.01
C LEU A 141 -18.22 0.95 -6.26
N VAL A 142 -18.92 -0.17 -6.11
CA VAL A 142 -18.35 -1.49 -5.68
C VAL A 142 -18.01 -2.30 -6.93
N ALA A 143 -16.73 -2.31 -7.30
CA ALA A 143 -16.24 -2.93 -8.56
C ALA A 143 -15.42 -4.17 -8.22
N ASP A 144 -15.65 -5.23 -8.99
CA ASP A 144 -14.88 -6.51 -8.92
C ASP A 144 -13.38 -6.24 -8.86
N MET A 145 -12.68 -7.06 -8.10
CA MET A 145 -11.18 -7.15 -8.08
C MET A 145 -10.62 -7.13 -9.50
N PHE A 146 -11.34 -7.73 -10.47
CA PHE A 146 -10.78 -7.88 -11.85
C PHE A 146 -10.83 -6.55 -12.63
N PHE A 147 -11.41 -5.49 -12.06
CA PHE A 147 -11.46 -4.16 -12.72
C PHE A 147 -10.59 -3.17 -11.97
N PRO A 148 -9.23 -3.27 -12.00
CA PRO A 148 -8.38 -2.38 -11.20
C PRO A 148 -8.49 -0.90 -11.67
N TRP A 149 -8.80 -0.72 -12.95
CA TRP A 149 -8.99 0.57 -13.65
C TRP A 149 -10.25 1.27 -13.12
N ALA A 150 -11.14 0.56 -12.43
CA ALA A 150 -12.44 1.13 -11.99
C ALA A 150 -12.23 2.23 -10.96
N THR A 151 -11.09 2.22 -10.26
CA THR A 151 -10.73 3.24 -9.27
C THR A 151 -10.58 4.61 -9.95
N ASP A 152 -9.74 4.68 -10.98
CA ASP A 152 -9.51 5.92 -11.78
C ASP A 152 -10.82 6.36 -12.43
N SER A 153 -11.64 5.42 -12.90
CA SER A 153 -12.92 5.71 -13.60
C SER A 153 -13.90 6.38 -12.64
N ALA A 154 -13.99 5.88 -11.42
CA ALA A 154 -14.90 6.41 -10.38
C ALA A 154 -14.38 7.77 -9.93
N ALA A 155 -13.06 7.94 -9.91
CA ALA A 155 -12.34 9.13 -9.37
C ALA A 155 -12.61 10.34 -10.28
N LYS A 156 -12.69 10.14 -11.59
CA LYS A 156 -13.04 11.18 -12.60
C LYS A 156 -14.29 11.95 -12.15
N PHE A 157 -15.21 11.33 -11.41
CA PHE A 157 -16.44 11.98 -10.90
C PHE A 157 -16.45 12.05 -9.37
N ASN A 158 -15.26 12.06 -8.75
CA ASN A 158 -15.07 12.14 -7.27
C ASN A 158 -16.02 11.14 -6.56
N ILE A 159 -16.08 9.90 -7.06
CA ILE A 159 -16.85 8.76 -6.50
C ILE A 159 -15.85 7.79 -5.88
N PRO A 160 -16.05 7.38 -4.60
CA PRO A 160 -15.19 6.37 -4.00
C PRO A 160 -15.45 4.99 -4.64
N ARG A 161 -14.39 4.22 -4.83
CA ARG A 161 -14.50 2.85 -5.38
C ARG A 161 -14.07 1.83 -4.31
N LEU A 162 -14.96 0.90 -3.99
CA LEU A 162 -14.66 -0.30 -3.16
C LEU A 162 -14.32 -1.49 -4.05
N VAL A 163 -13.35 -2.30 -3.60
CA VAL A 163 -12.97 -3.58 -4.23
C VAL A 163 -13.71 -4.69 -3.52
N PHE A 164 -14.25 -5.62 -4.30
CA PHE A 164 -14.87 -6.89 -3.82
C PHE A 164 -14.22 -8.08 -4.53
N HIS A 165 -13.62 -9.00 -3.78
CA HIS A 165 -12.87 -10.19 -4.30
C HIS A 165 -13.73 -11.46 -4.35
N GLY A 166 -14.57 -11.66 -3.32
CA GLY A 166 -15.39 -12.87 -3.12
C GLY A 166 -14.68 -13.99 -2.39
N THR A 167 -13.57 -13.70 -1.68
CA THR A 167 -12.72 -14.73 -1.05
C THR A 167 -12.42 -14.37 0.40
N SER A 168 -11.71 -15.25 1.10
CA SER A 168 -11.33 -15.14 2.52
C SER A 168 -10.27 -14.05 2.74
N PHE A 169 -10.25 -13.46 3.94
CA PHE A 169 -9.13 -12.61 4.40
C PHE A 169 -7.85 -13.40 4.23
N PHE A 170 -7.88 -14.69 4.60
CA PHE A 170 -6.72 -15.58 4.52
C PHE A 170 -6.14 -15.51 3.09
N SER A 171 -6.95 -15.81 2.07
CA SER A 171 -6.50 -15.80 0.65
C SER A 171 -5.98 -14.40 0.29
N LEU A 172 -6.70 -13.35 0.63
CA LEU A 172 -6.24 -11.98 0.29
C LEU A 172 -4.84 -11.76 0.88
N CYS A 173 -4.60 -12.19 2.12
CA CYS A 173 -3.29 -12.03 2.79
C CYS A 173 -2.27 -12.95 2.12
N ALA A 174 -2.65 -14.19 1.87
CA ALA A 174 -1.70 -15.23 1.40
C ALA A 174 -1.19 -14.83 0.03
N LEU A 175 -2.07 -14.49 -0.92
CA LEU A 175 -1.68 -14.01 -2.26
C LEU A 175 -0.65 -12.89 -2.11
N GLU A 176 -0.95 -11.93 -1.23
CA GLU A 176 -0.15 -10.68 -1.17
C GLU A 176 1.22 -11.00 -0.56
N VAL A 177 1.29 -11.89 0.43
CA VAL A 177 2.60 -12.21 1.06
C VAL A 177 3.40 -13.03 0.04
N VAL A 178 2.73 -13.91 -0.71
CA VAL A 178 3.44 -14.75 -1.72
C VAL A 178 3.96 -13.81 -2.81
N ARG A 179 3.14 -12.87 -3.30
CA ARG A 179 3.52 -11.94 -4.39
C ARG A 179 4.77 -11.14 -3.97
N LEU A 180 4.81 -10.61 -2.74
CA LEU A 180 5.82 -9.62 -2.28
C LEU A 180 7.11 -10.31 -1.80
N TYR A 181 7.03 -11.37 -0.99
CA TYR A 181 8.18 -12.00 -0.29
C TYR A 181 8.66 -13.26 -1.04
N GLU A 182 8.06 -13.56 -2.19
CA GLU A 182 8.43 -14.70 -3.10
C GLU A 182 9.07 -15.91 -2.42
N PRO A 183 8.39 -16.61 -1.47
CA PRO A 183 8.99 -17.75 -0.79
C PRO A 183 9.39 -18.91 -1.72
N HIS A 184 8.92 -18.88 -2.98
CA HIS A 184 9.00 -19.98 -3.97
C HIS A 184 10.26 -19.87 -4.86
N LYS A 185 10.96 -18.73 -4.80
CA LYS A 185 12.28 -18.53 -5.46
C LYS A 185 13.37 -19.35 -4.76
N ASN A 186 13.18 -19.63 -3.46
CA ASN A 186 14.17 -20.31 -2.57
C ASN A 186 13.98 -21.82 -2.58
N VAL A 187 13.07 -22.35 -3.40
CA VAL A 187 12.96 -23.83 -3.60
C VAL A 187 13.58 -24.18 -4.95
N SER A 188 13.78 -25.48 -5.17
CA SER A 188 14.58 -26.10 -6.28
C SER A 188 13.74 -27.10 -7.07
N SER A 189 12.73 -27.72 -6.45
CA SER A 189 11.85 -28.74 -7.07
C SER A 189 10.38 -28.33 -6.90
N ASP A 190 9.51 -28.94 -7.69
CA ASP A 190 8.05 -28.63 -7.79
C ASP A 190 7.34 -29.02 -6.49
N GLU A 191 7.84 -30.01 -5.74
CA GLU A 191 7.17 -30.57 -4.53
C GLU A 191 7.81 -30.09 -3.22
N GLU A 192 8.84 -29.24 -3.27
CA GLU A 192 9.55 -28.75 -2.07
C GLU A 192 8.64 -27.78 -1.31
N LEU A 193 8.42 -28.03 -0.02
CA LEU A 193 7.53 -27.23 0.85
C LEU A 193 8.23 -25.94 1.31
N PHE A 194 7.54 -24.81 1.26
CA PHE A 194 7.97 -23.50 1.83
C PHE A 194 6.85 -22.96 2.70
N SER A 195 7.22 -22.31 3.79
CA SER A 195 6.28 -21.64 4.72
C SER A 195 5.81 -20.32 4.12
N LEU A 196 4.56 -19.94 4.39
CA LEU A 196 4.04 -18.58 4.11
C LEU A 196 4.60 -17.63 5.14
N PRO A 197 5.41 -16.63 4.71
CA PRO A 197 6.03 -15.68 5.62
C PRO A 197 5.05 -14.84 6.45
N LEU A 198 5.48 -14.42 7.65
CA LEU A 198 4.83 -13.37 8.49
C LEU A 198 3.58 -13.92 9.19
N PHE A 199 3.01 -14.98 8.65
CA PHE A 199 1.73 -15.56 9.11
C PHE A 199 1.88 -16.04 10.54
N PRO A 200 0.82 -15.90 11.37
CA PRO A 200 0.79 -16.46 12.73
C PRO A 200 0.56 -17.98 12.80
N HIS A 201 0.52 -18.65 11.64
CA HIS A 201 0.39 -20.12 11.50
C HIS A 201 1.52 -20.55 10.59
N ASP A 202 2.04 -21.75 10.81
CA ASP A 202 3.02 -22.34 9.87
C ASP A 202 2.24 -23.06 8.78
N ILE A 203 2.31 -22.55 7.55
CA ILE A 203 1.50 -23.06 6.40
C ILE A 203 2.47 -23.39 5.28
N LYS A 204 2.51 -24.66 4.86
CA LYS A 204 3.53 -25.12 3.89
C LYS A 204 2.83 -25.43 2.56
N MET A 205 3.30 -24.80 1.50
CA MET A 205 2.78 -24.98 0.13
C MET A 205 3.93 -25.44 -0.76
N MET A 206 3.59 -25.90 -1.96
CA MET A 206 4.56 -26.25 -3.01
C MET A 206 4.21 -25.46 -4.27
N ARG A 207 5.18 -25.26 -5.17
CA ARG A 207 5.00 -24.56 -6.46
C ARG A 207 3.82 -25.17 -7.24
N LEU A 208 3.62 -26.49 -7.20
CA LEU A 208 2.51 -27.14 -7.96
C LEU A 208 1.17 -26.48 -7.62
N GLN A 209 1.03 -25.90 -6.42
CA GLN A 209 -0.23 -25.33 -5.90
C GLN A 209 -0.39 -23.88 -6.36
N LEU A 210 0.64 -23.26 -6.92
CA LEU A 210 0.62 -21.87 -7.46
C LEU A 210 0.42 -21.92 -8.98
N PRO A 211 -0.20 -20.87 -9.59
CA PRO A 211 -0.38 -20.82 -11.04
C PRO A 211 0.96 -20.86 -11.81
N GLU A 212 1.00 -21.58 -12.95
CA GLU A 212 2.26 -21.86 -13.72
C GLU A 212 2.96 -20.57 -14.19
N ASP A 213 2.23 -19.46 -14.38
CA ASP A 213 2.85 -18.17 -14.82
C ASP A 213 3.75 -17.63 -13.69
N VAL A 214 3.28 -17.68 -12.44
CA VAL A 214 3.98 -17.05 -11.27
C VAL A 214 5.27 -17.82 -10.95
N TRP A 215 5.37 -19.13 -11.25
CA TRP A 215 6.48 -19.98 -10.74
C TRP A 215 7.36 -20.58 -11.84
N LYS A 216 6.82 -20.84 -13.04
CA LYS A 216 7.60 -21.52 -14.11
C LYS A 216 8.02 -20.50 -15.19
N HIS A 217 7.30 -20.47 -16.31
CA HIS A 217 7.54 -19.56 -17.46
C HIS A 217 6.80 -18.25 -17.21
N GLU A 218 7.48 -17.23 -16.66
CA GLU A 218 6.88 -15.92 -16.27
C GLU A 218 6.24 -15.28 -17.52
N LYS A 219 4.90 -15.26 -17.55
CA LYS A 219 4.06 -14.59 -18.58
C LYS A 219 3.57 -13.27 -18.00
N ALA A 220 4.00 -12.17 -18.63
CA ALA A 220 3.71 -10.77 -18.23
C ALA A 220 2.22 -10.63 -17.90
N GLU A 221 1.35 -11.19 -18.76
CA GLU A 221 -0.11 -10.94 -18.74
C GLU A 221 -0.72 -11.25 -17.36
N GLY A 222 -0.61 -12.49 -16.87
CA GLY A 222 -1.26 -12.95 -15.63
C GLY A 222 -0.58 -12.31 -14.41
N LYS A 223 0.76 -12.15 -14.50
CA LYS A 223 1.57 -11.51 -13.42
C LYS A 223 1.26 -10.02 -13.31
N THR A 224 1.11 -9.29 -14.43
CA THR A 224 0.75 -7.84 -14.40
C THR A 224 -0.67 -7.74 -13.85
N ARG A 225 -1.56 -8.61 -14.31
CA ARG A 225 -2.99 -8.60 -13.95
C ARG A 225 -3.10 -8.76 -12.45
N LEU A 226 -2.41 -9.74 -11.87
CA LEU A 226 -2.41 -9.98 -10.40
C LEU A 226 -1.81 -8.78 -9.68
N LYS A 227 -0.70 -8.22 -10.18
CA LYS A 227 -0.07 -7.02 -9.58
C LYS A 227 -1.12 -5.91 -9.47
N LEU A 228 -1.82 -5.58 -10.56
CA LEU A 228 -2.73 -4.38 -10.58
C LEU A 228 -3.93 -4.66 -9.67
N ILE A 229 -4.38 -5.90 -9.58
CA ILE A 229 -5.50 -6.29 -8.66
C ILE A 229 -5.10 -6.02 -7.21
N LYS A 230 -3.90 -6.43 -6.82
CA LYS A 230 -3.45 -6.32 -5.40
C LYS A 230 -3.18 -4.84 -5.13
N GLU A 231 -2.58 -4.12 -6.07
CA GLU A 231 -2.28 -2.66 -5.90
C GLU A 231 -3.59 -1.89 -5.72
N SER A 232 -4.68 -2.33 -6.32
CA SER A 232 -6.00 -1.65 -6.29
C SER A 232 -6.61 -1.70 -4.89
N GLU A 233 -6.26 -2.70 -4.09
CA GLU A 233 -6.73 -2.81 -2.67
C GLU A 233 -6.26 -1.59 -1.86
N LEU A 234 -5.06 -1.08 -2.13
CA LEU A 234 -4.47 0.12 -1.46
C LEU A 234 -4.87 1.41 -2.19
N LYS A 235 -4.99 1.38 -3.53
CA LYS A 235 -5.26 2.61 -4.34
C LYS A 235 -6.72 3.05 -4.17
N SER A 236 -7.64 2.12 -3.93
CA SER A 236 -9.09 2.37 -3.87
C SER A 236 -9.47 2.89 -2.50
N TYR A 237 -10.74 3.18 -2.26
CA TYR A 237 -11.21 3.70 -0.96
C TYR A 237 -11.10 2.59 0.11
N GLY A 238 -11.39 1.34 -0.26
CA GLY A 238 -11.25 0.18 0.63
C GLY A 238 -11.75 -1.10 -0.01
N VAL A 239 -11.87 -2.15 0.78
CA VAL A 239 -12.22 -3.52 0.33
C VAL A 239 -13.45 -3.97 1.11
N ILE A 240 -14.51 -4.42 0.44
CA ILE A 240 -15.58 -5.27 1.05
C ILE A 240 -15.12 -6.72 1.03
N VAL A 241 -15.32 -7.43 2.15
CA VAL A 241 -14.86 -8.84 2.34
C VAL A 241 -16.06 -9.69 2.76
N ASN A 242 -16.27 -10.78 2.03
CA ASN A 242 -17.38 -11.70 2.32
C ASN A 242 -16.88 -12.73 3.33
N SER A 243 -16.50 -12.29 4.52
CA SER A 243 -16.11 -13.12 5.68
C SER A 243 -16.66 -12.44 6.93
N PHE A 244 -16.54 -13.10 8.08
CA PHE A 244 -16.91 -12.53 9.39
C PHE A 244 -15.65 -12.58 10.27
N TYR A 245 -15.49 -11.52 11.07
CA TYR A 245 -14.25 -11.26 11.85
C TYR A 245 -13.85 -12.54 12.61
N GLU A 246 -14.84 -13.14 13.28
CA GLU A 246 -14.67 -14.24 14.27
C GLU A 246 -14.13 -15.51 13.58
N LEU A 247 -14.29 -15.62 12.26
CA LEU A 247 -13.91 -16.83 11.48
C LEU A 247 -12.40 -16.91 11.32
N GLU A 248 -11.75 -15.77 11.07
CA GLU A 248 -10.29 -15.72 10.82
C GLU A 248 -9.76 -14.42 11.42
N PRO A 249 -9.95 -14.20 12.74
CA PRO A 249 -9.61 -12.92 13.38
C PRO A 249 -8.18 -12.45 13.07
N ASN A 250 -7.24 -13.37 12.99
CA ASN A 250 -5.81 -13.07 12.72
C ASN A 250 -5.62 -12.49 11.31
N TYR A 251 -6.42 -12.87 10.33
CA TYR A 251 -6.18 -12.45 8.92
C TYR A 251 -7.03 -11.21 8.62
N ALA A 252 -8.21 -11.09 9.22
CA ALA A 252 -8.97 -9.83 9.29
C ALA A 252 -8.10 -8.68 9.83
N GLU A 253 -7.24 -8.96 10.83
CA GLU A 253 -6.25 -7.99 11.40
C GLU A 253 -5.07 -7.85 10.46
N PHE A 254 -4.44 -8.95 10.07
CA PHE A 254 -3.23 -8.88 9.20
C PHE A 254 -3.53 -8.03 7.94
N PHE A 255 -4.72 -8.19 7.37
CA PHE A 255 -5.09 -7.55 6.08
C PHE A 255 -5.13 -6.04 6.24
N ARG A 256 -5.70 -5.55 7.34
CA ARG A 256 -5.83 -4.12 7.71
C ARG A 256 -4.52 -3.53 8.26
N LYS A 257 -3.72 -4.28 9.02
CA LYS A 257 -2.57 -3.71 9.77
C LYS A 257 -1.27 -3.96 8.99
N GLU A 258 -0.80 -5.20 8.95
CA GLU A 258 0.41 -5.55 8.18
C GLU A 258 0.29 -5.05 6.74
N LEU A 259 -0.82 -5.33 6.04
CA LEU A 259 -0.94 -5.05 4.58
C LEU A 259 -1.67 -3.73 4.38
N GLY A 260 -2.16 -3.09 5.44
CA GLY A 260 -2.56 -1.66 5.43
C GLY A 260 -3.78 -1.36 4.59
N ARG A 261 -4.70 -2.31 4.45
CA ARG A 261 -5.96 -2.14 3.69
C ARG A 261 -7.03 -1.61 4.63
N ARG A 262 -7.86 -0.70 4.13
CA ARG A 262 -9.14 -0.33 4.75
C ARG A 262 -10.14 -1.36 4.28
N ALA A 263 -10.83 -2.00 5.20
CA ALA A 263 -11.66 -3.18 4.93
C ALA A 263 -12.90 -3.17 5.81
N TRP A 264 -13.96 -3.78 5.33
CA TRP A 264 -15.16 -4.13 6.12
C TRP A 264 -15.47 -5.61 5.88
N ASN A 265 -15.75 -6.34 6.94
CA ASN A 265 -16.20 -7.75 6.83
C ASN A 265 -17.69 -7.74 7.05
N ILE A 266 -18.45 -8.19 6.05
CA ILE A 266 -19.93 -8.10 6.09
C ILE A 266 -20.58 -9.45 5.77
N GLY A 267 -19.82 -10.54 5.81
CA GLY A 267 -20.35 -11.87 5.45
C GLY A 267 -20.69 -12.71 6.67
N PRO A 268 -21.12 -13.98 6.43
CA PRO A 268 -21.42 -14.43 5.08
C PRO A 268 -22.65 -13.74 4.47
N VAL A 269 -22.49 -13.14 3.30
CA VAL A 269 -23.60 -12.38 2.63
C VAL A 269 -24.71 -13.35 2.21
N SER A 270 -24.41 -14.63 1.98
CA SER A 270 -25.35 -15.75 1.71
C SER A 270 -26.58 -15.74 2.65
N LEU A 271 -26.39 -15.35 3.90
CA LEU A 271 -27.37 -15.50 5.02
C LEU A 271 -28.34 -14.33 5.09
N CYS A 272 -28.26 -13.31 4.23
CA CYS A 272 -29.09 -12.08 4.30
C CYS A 272 -30.58 -12.43 4.19
N ASN A 273 -30.96 -13.21 3.17
CA ASN A 273 -32.31 -13.75 2.88
C ASN A 273 -32.99 -14.30 4.15
N ARG A 274 -32.23 -15.08 4.93
CA ARG A 274 -32.77 -16.04 5.93
C ARG A 274 -32.51 -15.56 7.36
N HIS A 291 -37.10 -31.59 -3.04
CA HIS A 291 -38.04 -32.12 -2.00
C HIS A 291 -37.91 -33.64 -1.88
N GLU A 292 -37.63 -34.34 -3.00
CA GLU A 292 -37.50 -35.82 -3.07
C GLU A 292 -36.33 -36.31 -2.20
N CYS A 293 -35.20 -35.60 -2.32
CA CYS A 293 -33.90 -35.91 -1.66
C CYS A 293 -34.03 -35.72 -0.14
N LEU A 294 -34.85 -34.77 0.30
CA LEU A 294 -35.08 -34.50 1.73
C LEU A 294 -35.82 -35.70 2.35
N LYS A 295 -36.85 -36.22 1.68
CA LYS A 295 -37.63 -37.43 2.11
C LYS A 295 -36.65 -38.61 2.20
N TRP A 296 -35.82 -38.80 1.17
CA TRP A 296 -34.71 -39.79 1.15
C TRP A 296 -33.84 -39.63 2.40
N LEU A 297 -33.38 -38.39 2.68
CA LEU A 297 -32.43 -38.08 3.78
C LEU A 297 -33.07 -38.37 5.13
N ASN A 298 -34.38 -38.11 5.26
CA ASN A 298 -35.18 -38.30 6.51
C ASN A 298 -35.06 -39.74 7.02
N SER A 299 -34.87 -40.73 6.13
CA SER A 299 -34.74 -42.17 6.46
C SER A 299 -33.35 -42.51 7.03
N LYS A 300 -32.38 -41.59 6.96
CA LYS A 300 -30.95 -41.89 7.25
C LYS A 300 -30.58 -41.41 8.65
N LYS A 301 -29.52 -41.99 9.22
CA LYS A 301 -28.87 -41.63 10.52
C LYS A 301 -28.32 -40.20 10.46
N LYS A 302 -28.19 -39.52 11.61
CA LYS A 302 -27.43 -38.24 11.71
C LYS A 302 -26.00 -38.44 11.17
N ASN A 303 -25.52 -37.51 10.35
CA ASN A 303 -24.08 -37.37 9.97
C ASN A 303 -23.62 -38.60 9.20
N SER A 304 -24.51 -39.19 8.40
CA SER A 304 -24.30 -40.49 7.74
C SER A 304 -24.10 -40.33 6.23
N VAL A 305 -24.49 -39.19 5.65
CA VAL A 305 -24.52 -38.94 4.17
C VAL A 305 -23.43 -37.93 3.77
N ILE A 306 -22.65 -38.28 2.74
CA ILE A 306 -21.72 -37.35 2.03
C ILE A 306 -22.49 -36.65 0.89
N TYR A 307 -22.52 -35.31 0.94
CA TYR A 307 -23.02 -34.48 -0.18
C TYR A 307 -21.84 -34.17 -1.08
N ILE A 308 -21.95 -34.47 -2.38
CA ILE A 308 -20.97 -34.07 -3.41
C ILE A 308 -21.66 -33.14 -4.40
N CYS A 309 -21.15 -31.92 -4.51
CA CYS A 309 -21.63 -30.87 -5.42
C CYS A 309 -20.49 -29.90 -5.63
N PHE A 310 -20.03 -29.81 -6.88
CA PHE A 310 -18.88 -28.98 -7.31
C PHE A 310 -19.41 -27.65 -7.87
N GLY A 311 -20.72 -27.60 -8.16
CA GLY A 311 -21.42 -26.45 -8.78
C GLY A 311 -21.71 -26.75 -10.23
N SER A 312 -22.51 -25.91 -10.90
CA SER A 312 -22.71 -26.01 -12.37
C SER A 312 -21.73 -25.07 -13.07
N THR A 313 -21.02 -24.20 -12.33
CA THR A 313 -19.69 -23.63 -12.70
C THR A 313 -18.73 -24.74 -13.17
N ALA A 314 -18.49 -25.77 -12.34
CA ALA A 314 -17.41 -26.76 -12.47
C ALA A 314 -17.51 -27.54 -13.78
N HIS A 315 -16.34 -27.80 -14.36
CA HIS A 315 -16.11 -28.58 -15.61
C HIS A 315 -15.51 -29.95 -15.24
N GLN A 316 -16.29 -31.01 -15.21
CA GLN A 316 -15.90 -32.37 -14.76
C GLN A 316 -15.73 -33.26 -16.00
N ILE A 317 -14.54 -33.77 -16.31
CA ILE A 317 -14.36 -34.69 -17.48
C ILE A 317 -14.79 -36.10 -17.08
N ALA A 318 -15.19 -36.92 -18.04
CA ALA A 318 -15.79 -38.27 -17.82
C ALA A 318 -14.87 -39.17 -17.00
N PRO A 319 -13.54 -39.23 -17.28
CA PRO A 319 -12.64 -40.08 -16.50
C PRO A 319 -12.58 -39.67 -15.02
N GLN A 320 -12.78 -38.38 -14.70
CA GLN A 320 -12.78 -37.91 -13.29
C GLN A 320 -14.03 -38.40 -12.59
N LEU A 321 -15.17 -38.28 -13.26
CA LEU A 321 -16.50 -38.66 -12.72
C LEU A 321 -16.52 -40.16 -12.43
N TYR A 322 -15.94 -40.98 -13.31
CA TYR A 322 -15.84 -42.46 -13.19
C TYR A 322 -15.14 -42.81 -11.88
N GLU A 323 -13.98 -42.19 -11.63
CA GLU A 323 -13.13 -42.46 -10.43
C GLU A 323 -13.90 -42.05 -9.16
N ILE A 324 -14.67 -40.95 -9.23
CA ILE A 324 -15.56 -40.49 -8.12
C ILE A 324 -16.62 -41.57 -7.86
N ALA A 325 -17.28 -42.05 -8.91
CA ALA A 325 -18.29 -43.13 -8.85
C ALA A 325 -17.71 -44.39 -8.19
N MET A 326 -16.51 -44.82 -8.56
CA MET A 326 -15.94 -46.09 -8.04
C MET A 326 -15.55 -45.88 -6.57
N ALA A 327 -15.14 -44.66 -6.22
CA ALA A 327 -14.74 -44.29 -4.86
C ALA A 327 -15.97 -44.33 -3.94
N LEU A 328 -17.10 -43.80 -4.43
CA LEU A 328 -18.32 -43.71 -3.59
C LEU A 328 -18.80 -45.13 -3.24
N GLU A 329 -18.89 -46.01 -4.24
CA GLU A 329 -19.25 -47.44 -4.08
C GLU A 329 -18.31 -48.08 -3.04
N ALA A 330 -17.00 -48.01 -3.26
CA ALA A 330 -15.99 -48.75 -2.48
C ALA A 330 -16.01 -48.29 -1.01
N SER A 331 -16.33 -47.02 -0.78
CA SER A 331 -16.26 -46.35 0.54
C SER A 331 -17.35 -46.90 1.48
N GLY A 332 -18.45 -47.38 0.90
CA GLY A 332 -19.60 -47.94 1.64
C GLY A 332 -20.50 -46.84 2.21
N GLN A 333 -20.01 -45.60 2.22
CA GLN A 333 -20.69 -44.46 2.85
C GLN A 333 -21.98 -44.16 2.08
N GLU A 334 -23.01 -43.68 2.74
CA GLU A 334 -24.21 -43.15 2.05
C GLU A 334 -23.86 -41.76 1.46
N PHE A 335 -24.49 -41.37 0.35
CA PHE A 335 -24.11 -40.16 -0.44
C PHE A 335 -25.27 -39.65 -1.30
N ILE A 336 -25.35 -38.33 -1.40
CA ILE A 336 -26.09 -37.59 -2.47
C ILE A 336 -25.03 -36.90 -3.32
N TRP A 337 -25.05 -37.19 -4.62
CA TRP A 337 -24.08 -36.75 -5.64
C TRP A 337 -24.81 -35.95 -6.73
N VAL A 338 -24.53 -34.64 -6.80
CA VAL A 338 -25.10 -33.73 -7.81
C VAL A 338 -24.09 -33.55 -8.94
N VAL A 339 -24.53 -33.85 -10.16
CA VAL A 339 -23.75 -33.89 -11.41
C VAL A 339 -24.38 -32.90 -12.40
N ARG A 340 -23.55 -32.14 -13.11
CA ARG A 340 -23.92 -30.98 -13.97
C ARG A 340 -24.84 -31.41 -15.14
N ASN A 341 -25.84 -30.57 -15.47
CA ASN A 341 -26.62 -30.62 -16.74
C ASN A 341 -26.10 -29.53 -17.68
N ASP A 351 -23.87 -40.81 -20.69
CA ASP A 351 -23.72 -41.55 -19.40
C ASP A 351 -22.62 -42.62 -19.55
N SER A 352 -21.52 -42.31 -20.25
CA SER A 352 -20.38 -43.21 -20.55
C SER A 352 -19.48 -43.37 -19.30
N TRP A 353 -19.66 -42.51 -18.29
CA TRP A 353 -18.76 -42.31 -17.13
C TRP A 353 -19.23 -43.06 -15.90
N LEU A 354 -20.44 -43.67 -15.92
CA LEU A 354 -20.98 -44.53 -14.86
C LEU A 354 -20.57 -45.97 -15.10
N PRO A 355 -20.04 -46.68 -14.09
CA PRO A 355 -19.87 -48.12 -14.23
C PRO A 355 -21.26 -48.76 -14.43
N ARG A 356 -21.32 -49.89 -15.14
CA ARG A 356 -22.58 -50.61 -15.46
C ARG A 356 -23.22 -51.10 -14.17
N GLY A 357 -24.51 -50.88 -14.01
CA GLY A 357 -25.28 -51.31 -12.83
C GLY A 357 -24.98 -50.52 -11.57
N PHE A 358 -24.37 -49.34 -11.69
CA PHE A 358 -24.03 -48.43 -10.57
C PHE A 358 -25.29 -48.03 -9.81
N GLU A 359 -26.24 -47.42 -10.52
CA GLU A 359 -27.54 -46.93 -10.01
C GLU A 359 -28.24 -48.06 -9.23
N GLN A 360 -28.15 -49.31 -9.72
CA GLN A 360 -28.81 -50.50 -9.12
C GLN A 360 -28.11 -50.85 -7.80
N ARG A 361 -26.79 -51.07 -7.85
CA ARG A 361 -25.98 -51.60 -6.71
C ARG A 361 -26.01 -50.64 -5.52
N VAL A 362 -26.35 -49.35 -5.71
CA VAL A 362 -26.30 -48.33 -4.62
C VAL A 362 -27.70 -47.85 -4.26
N GLU A 363 -28.76 -48.46 -4.81
CA GLU A 363 -30.18 -48.04 -4.67
C GLU A 363 -30.50 -47.65 -3.22
N GLY A 364 -30.07 -48.47 -2.24
CA GLY A 364 -30.23 -48.13 -0.82
C GLY A 364 -29.38 -46.93 -0.40
N LYS A 365 -28.05 -47.01 -0.60
CA LYS A 365 -27.06 -46.14 0.08
C LYS A 365 -26.87 -44.80 -0.62
N GLY A 366 -27.28 -44.64 -1.88
CA GLY A 366 -26.73 -43.62 -2.79
C GLY A 366 -27.75 -43.06 -3.77
N LEU A 367 -27.76 -41.73 -3.92
CA LEU A 367 -28.67 -40.97 -4.81
C LEU A 367 -27.83 -40.09 -5.72
N ILE A 368 -28.10 -40.11 -7.03
CA ILE A 368 -27.49 -39.19 -8.02
C ILE A 368 -28.57 -38.20 -8.46
N ILE A 369 -28.27 -36.90 -8.42
CA ILE A 369 -29.14 -35.82 -8.95
C ILE A 369 -28.43 -35.23 -10.18
N ARG A 370 -29.12 -35.17 -11.33
CA ARG A 370 -28.64 -34.45 -12.54
C ARG A 370 -29.31 -33.09 -12.59
N GLY A 371 -28.50 -32.02 -12.45
CA GLY A 371 -28.88 -30.62 -12.66
C GLY A 371 -29.00 -29.87 -11.34
N TRP A 372 -30.21 -29.40 -11.03
CA TRP A 372 -30.51 -28.55 -9.85
C TRP A 372 -30.81 -29.45 -8.65
N ALA A 373 -30.14 -29.19 -7.53
CA ALA A 373 -30.44 -29.73 -6.18
C ALA A 373 -30.77 -28.55 -5.26
N PRO A 374 -31.71 -28.71 -4.29
CA PRO A 374 -31.92 -27.70 -3.26
C PRO A 374 -30.77 -27.72 -2.23
N GLN A 375 -29.62 -27.16 -2.61
CA GLN A 375 -28.30 -27.33 -1.97
C GLN A 375 -28.38 -26.94 -0.50
N VAL A 376 -28.90 -25.74 -0.20
CA VAL A 376 -28.95 -25.16 1.17
C VAL A 376 -29.68 -26.14 2.11
N LEU A 377 -30.87 -26.57 1.69
CA LEU A 377 -31.75 -27.47 2.48
C LEU A 377 -31.03 -28.81 2.68
N ILE A 378 -30.34 -29.32 1.67
CA ILE A 378 -29.59 -30.61 1.78
C ILE A 378 -28.45 -30.45 2.78
N LEU A 379 -27.65 -29.39 2.71
CA LEU A 379 -26.47 -29.22 3.61
C LEU A 379 -26.93 -29.01 5.06
N GLU A 380 -28.03 -28.28 5.29
CA GLU A 380 -28.54 -27.99 6.66
C GLU A 380 -29.21 -29.23 7.30
N HIS A 381 -29.56 -30.26 6.52
CA HIS A 381 -30.25 -31.49 7.01
C HIS A 381 -29.28 -32.29 7.89
N GLU A 382 -29.85 -32.85 8.97
CA GLU A 382 -29.14 -33.56 10.07
C GLU A 382 -28.35 -34.76 9.53
N ALA A 383 -28.80 -35.36 8.43
CA ALA A 383 -28.26 -36.62 7.85
C ALA A 383 -26.88 -36.41 7.24
N ILE A 384 -26.60 -35.19 6.77
CA ILE A 384 -25.34 -34.81 6.05
C ILE A 384 -24.19 -34.69 7.05
N GLY A 385 -23.13 -35.48 6.87
CA GLY A 385 -21.94 -35.48 7.73
C GLY A 385 -20.72 -34.94 7.03
N ALA A 386 -20.77 -34.72 5.71
CA ALA A 386 -19.64 -34.18 4.95
C ALA A 386 -20.11 -33.58 3.63
N PHE A 387 -19.25 -32.74 3.06
CA PHE A 387 -19.47 -31.94 1.84
C PHE A 387 -18.20 -32.02 0.99
N VAL A 388 -18.28 -32.64 -0.18
CA VAL A 388 -17.16 -32.63 -1.16
C VAL A 388 -17.35 -31.43 -2.10
N THR A 389 -16.33 -30.59 -2.20
CA THR A 389 -16.39 -29.29 -2.88
C THR A 389 -15.00 -28.88 -3.37
N HIS A 390 -14.91 -27.80 -4.12
CA HIS A 390 -13.67 -27.36 -4.82
C HIS A 390 -12.90 -26.30 -4.00
N CYS A 391 -13.44 -25.86 -2.87
CA CYS A 391 -12.78 -24.86 -1.97
C CYS A 391 -12.82 -23.46 -2.56
N GLY A 392 -13.70 -23.20 -3.51
CA GLY A 392 -14.11 -21.82 -3.82
C GLY A 392 -14.78 -21.23 -2.63
N TRP A 393 -14.64 -19.94 -2.41
CA TRP A 393 -15.04 -19.32 -1.13
C TRP A 393 -16.56 -19.37 -0.95
N ASN A 394 -17.35 -19.20 -2.01
CA ASN A 394 -18.83 -19.36 -1.86
C ASN A 394 -19.19 -20.73 -1.29
N SER A 395 -18.57 -21.79 -1.81
CA SER A 395 -18.81 -23.20 -1.42
C SER A 395 -18.35 -23.39 0.02
N THR A 396 -17.13 -22.96 0.34
CA THR A 396 -16.59 -23.06 1.71
C THR A 396 -17.56 -22.40 2.68
N LEU A 397 -18.09 -21.24 2.32
CA LEU A 397 -18.98 -20.50 3.23
C LEU A 397 -20.28 -21.28 3.47
N GLU A 398 -20.81 -21.99 2.47
CA GLU A 398 -22.07 -22.76 2.65
C GLU A 398 -21.77 -24.01 3.50
N GLY A 399 -20.54 -24.54 3.46
CA GLY A 399 -20.10 -25.56 4.43
C GLY A 399 -20.05 -25.03 5.86
N ILE A 400 -19.42 -23.87 6.08
CA ILE A 400 -19.24 -23.27 7.43
C ILE A 400 -20.61 -22.95 8.01
N THR A 401 -21.51 -22.47 7.16
CA THR A 401 -22.81 -21.90 7.57
C THR A 401 -23.81 -23.01 7.87
N ALA A 402 -23.66 -24.17 7.24
CA ALA A 402 -24.42 -25.40 7.51
C ALA A 402 -23.72 -26.21 8.59
N GLY A 403 -22.48 -25.86 8.93
CA GLY A 403 -21.74 -26.55 10.00
C GLY A 403 -21.39 -27.97 9.58
N VAL A 404 -20.89 -28.12 8.36
CA VAL A 404 -20.58 -29.45 7.75
C VAL A 404 -19.10 -29.47 7.43
N PRO A 405 -18.32 -30.46 7.91
CA PRO A 405 -16.91 -30.56 7.53
C PRO A 405 -16.78 -30.91 6.03
N MET A 406 -15.62 -30.61 5.45
CA MET A 406 -15.46 -30.62 3.97
C MET A 406 -14.30 -31.51 3.57
N VAL A 407 -14.49 -32.24 2.47
CA VAL A 407 -13.38 -32.78 1.66
C VAL A 407 -13.04 -31.68 0.67
N THR A 408 -11.78 -31.26 0.66
CA THR A 408 -11.30 -30.10 -0.09
C THR A 408 -10.66 -30.62 -1.36
N TRP A 409 -11.11 -30.11 -2.50
CA TRP A 409 -10.65 -30.44 -3.87
C TRP A 409 -10.34 -29.13 -4.59
N PRO A 410 -9.23 -28.46 -4.22
CA PRO A 410 -8.79 -27.26 -4.92
C PRO A 410 -8.40 -27.54 -6.37
N ILE A 411 -8.76 -26.62 -7.27
CA ILE A 411 -8.46 -26.73 -8.72
C ILE A 411 -7.62 -25.53 -9.16
N PHE A 412 -8.07 -24.30 -8.88
CA PHE A 412 -7.53 -23.07 -9.50
C PHE A 412 -7.83 -21.88 -8.59
N ALA A 413 -7.64 -20.67 -9.09
CA ALA A 413 -7.76 -19.38 -8.38
C ALA A 413 -7.14 -19.47 -6.97
N GLU A 414 -7.90 -19.08 -5.94
CA GLU A 414 -7.41 -18.91 -4.56
C GLU A 414 -7.67 -20.21 -3.77
N GLN A 415 -8.11 -21.28 -4.43
CA GLN A 415 -8.71 -22.47 -3.78
C GLN A 415 -7.69 -23.22 -2.95
N PHE A 416 -6.42 -23.28 -3.34
CA PHE A 416 -5.36 -23.95 -2.56
C PHE A 416 -5.05 -23.16 -1.30
N TYR A 417 -5.25 -21.85 -1.27
CA TYR A 417 -5.11 -21.06 -0.02
C TYR A 417 -6.34 -21.33 0.86
N ASN A 418 -7.55 -21.32 0.29
CA ASN A 418 -8.80 -21.66 1.03
C ASN A 418 -8.66 -23.05 1.65
N GLU A 419 -8.05 -23.99 0.94
CA GLU A 419 -7.89 -25.39 1.41
C GLU A 419 -7.00 -25.37 2.65
N LYS A 420 -5.96 -24.52 2.68
CA LYS A 420 -5.06 -24.41 3.86
C LYS A 420 -5.86 -23.83 5.01
N LEU A 421 -6.74 -22.87 4.75
CA LEU A 421 -7.53 -22.28 5.85
C LEU A 421 -8.40 -23.36 6.46
N VAL A 422 -9.11 -24.11 5.62
CA VAL A 422 -10.15 -25.10 6.05
C VAL A 422 -9.48 -26.27 6.79
N ASN A 423 -8.35 -26.76 6.29
CA ASN A 423 -7.69 -28.02 6.76
C ASN A 423 -6.71 -27.77 7.91
N GLN A 424 -5.95 -26.67 7.87
CA GLN A 424 -4.79 -26.47 8.78
C GLN A 424 -5.07 -25.41 9.84
N ILE A 425 -6.05 -24.51 9.65
CA ILE A 425 -6.36 -23.39 10.59
C ILE A 425 -7.74 -23.58 11.23
N LEU A 426 -8.80 -23.71 10.43
CA LEU A 426 -10.17 -23.98 10.96
C LEU A 426 -10.23 -25.45 11.38
N LYS A 427 -9.43 -26.29 10.69
CA LYS A 427 -9.35 -27.76 10.87
C LYS A 427 -10.74 -28.39 10.78
N ILE A 428 -11.52 -28.05 9.74
CA ILE A 428 -12.89 -28.61 9.52
C ILE A 428 -12.90 -29.40 8.22
N GLY A 429 -11.73 -29.79 7.70
CA GLY A 429 -11.70 -30.51 6.42
C GLY A 429 -10.59 -31.52 6.31
N VAL A 430 -10.63 -32.27 5.21
CA VAL A 430 -9.65 -33.30 4.81
C VAL A 430 -9.36 -33.11 3.33
N PRO A 431 -8.07 -33.03 2.92
CA PRO A 431 -7.72 -32.90 1.51
C PRO A 431 -7.93 -34.19 0.70
N VAL A 432 -8.43 -34.07 -0.54
CA VAL A 432 -8.56 -35.21 -1.47
C VAL A 432 -7.17 -35.55 -2.05
N GLY A 433 -6.24 -34.58 -2.03
CA GLY A 433 -4.84 -34.79 -2.48
C GLY A 433 -4.55 -34.25 -3.85
N ALA A 434 -5.52 -33.61 -4.52
CA ALA A 434 -5.29 -32.61 -5.59
C ALA A 434 -4.28 -31.60 -5.06
N ASN A 435 -3.17 -31.42 -5.77
CA ASN A 435 -2.17 -30.40 -5.39
C ASN A 435 -1.67 -29.67 -6.64
N LYS A 436 -2.34 -29.76 -7.79
CA LYS A 436 -1.84 -29.14 -9.03
C LYS A 436 -2.81 -28.04 -9.49
N TRP A 437 -2.40 -26.79 -9.40
CA TRP A 437 -3.14 -25.61 -9.92
C TRP A 437 -3.24 -25.74 -11.45
N SER A 438 -4.44 -25.61 -12.02
CA SER A 438 -4.68 -25.78 -13.48
C SER A 438 -6.07 -25.26 -13.87
N ARG A 439 -6.16 -24.42 -14.93
CA ARG A 439 -7.42 -23.92 -15.52
C ARG A 439 -7.91 -24.93 -16.56
N GLU A 440 -6.98 -25.70 -17.16
CA GLU A 440 -7.23 -26.83 -18.10
C GLU A 440 -7.28 -28.15 -17.32
N THR A 441 -8.20 -29.05 -17.69
CA THR A 441 -8.37 -30.36 -17.04
C THR A 441 -7.87 -31.44 -18.02
N SER A 442 -6.67 -31.95 -17.74
CA SER A 442 -5.99 -33.03 -18.49
C SER A 442 -6.24 -34.38 -17.81
N ILE A 443 -6.31 -35.44 -18.61
CA ILE A 443 -6.59 -36.83 -18.14
C ILE A 443 -5.47 -37.24 -17.20
N GLU A 444 -4.26 -36.71 -17.40
CA GLU A 444 -3.04 -37.08 -16.64
C GLU A 444 -3.20 -36.71 -15.17
N ASP A 445 -3.97 -35.66 -14.86
CA ASP A 445 -4.06 -35.03 -13.51
C ASP A 445 -5.27 -35.60 -12.77
N VAL A 446 -6.07 -36.45 -13.41
CA VAL A 446 -7.30 -37.02 -12.80
C VAL A 446 -6.95 -37.68 -11.46
N ILE A 447 -7.74 -37.40 -10.42
CA ILE A 447 -7.54 -37.97 -9.06
C ILE A 447 -8.22 -39.35 -9.04
N LYS A 448 -7.50 -40.38 -8.62
CA LYS A 448 -7.90 -41.81 -8.77
C LYS A 448 -8.81 -42.21 -7.61
N LYS A 449 -9.60 -43.28 -7.84
CA LYS A 449 -10.47 -43.95 -6.84
C LYS A 449 -9.80 -44.02 -5.46
N ASP A 450 -8.57 -44.54 -5.38
CA ASP A 450 -7.89 -44.84 -4.09
C ASP A 450 -7.77 -43.56 -3.23
N ALA A 451 -7.27 -42.46 -3.81
CA ALA A 451 -7.14 -41.15 -3.14
C ALA A 451 -8.52 -40.66 -2.71
N ILE A 452 -9.52 -40.71 -3.59
CA ILE A 452 -10.87 -40.18 -3.27
C ILE A 452 -11.41 -41.02 -2.10
N GLU A 453 -11.45 -42.34 -2.26
CA GLU A 453 -11.99 -43.31 -1.26
C GLU A 453 -11.35 -43.09 0.11
N LYS A 454 -10.05 -42.85 0.15
CA LYS A 454 -9.31 -42.58 1.41
C LYS A 454 -9.87 -41.31 2.06
N ALA A 455 -10.17 -40.27 1.28
CA ALA A 455 -10.68 -38.98 1.83
C ALA A 455 -12.12 -39.17 2.31
N LEU A 456 -12.96 -39.94 1.60
CA LEU A 456 -14.39 -40.13 2.00
C LEU A 456 -14.44 -40.85 3.34
N ARG A 457 -13.57 -41.86 3.53
CA ARG A 457 -13.48 -42.63 4.80
C ARG A 457 -12.96 -41.67 5.87
N GLU A 458 -11.92 -40.92 5.53
CA GLU A 458 -11.24 -40.02 6.51
C GLU A 458 -12.24 -38.97 7.00
N ILE A 459 -13.14 -38.46 6.15
CA ILE A 459 -14.02 -37.33 6.57
C ILE A 459 -15.18 -37.87 7.42
N MET A 460 -15.46 -39.16 7.33
CA MET A 460 -16.63 -39.74 8.05
C MET A 460 -16.18 -40.46 9.34
N VAL A 461 -15.11 -41.27 9.31
CA VAL A 461 -14.77 -42.16 10.46
C VAL A 461 -13.29 -42.06 10.86
N GLY A 462 -12.53 -41.13 10.27
CA GLY A 462 -11.11 -40.85 10.60
C GLY A 462 -10.96 -40.35 12.02
N ASP A 463 -9.74 -40.51 12.55
CA ASP A 463 -9.22 -40.02 13.86
C ASP A 463 -10.01 -38.78 14.31
N GLU A 464 -9.96 -37.69 13.53
CA GLU A 464 -10.41 -36.36 14.02
C GLU A 464 -11.83 -36.07 13.59
N ALA A 465 -12.58 -37.06 13.06
CA ALA A 465 -13.87 -36.81 12.35
C ALA A 465 -14.83 -36.00 13.24
N GLU A 466 -15.03 -36.50 14.46
CA GLU A 466 -16.01 -35.96 15.45
C GLU A 466 -15.61 -34.53 15.83
N GLU A 467 -14.31 -34.28 15.95
CA GLU A 467 -13.76 -32.99 16.39
C GLU A 467 -14.00 -31.98 15.27
N ARG A 468 -13.70 -32.36 14.02
CA ARG A 468 -13.98 -31.54 12.82
C ARG A 468 -15.47 -31.17 12.85
N ARG A 469 -16.34 -32.14 13.12
CA ARG A 469 -17.80 -31.91 13.14
C ARG A 469 -18.12 -30.83 14.19
N SER A 470 -17.50 -30.89 15.36
CA SER A 470 -17.79 -29.99 16.50
C SER A 470 -17.33 -28.58 16.14
N ARG A 471 -16.11 -28.50 15.60
CA ARG A 471 -15.47 -27.22 15.20
C ARG A 471 -16.33 -26.59 14.11
N ALA A 472 -16.83 -27.39 13.16
CA ALA A 472 -17.75 -26.91 12.11
C ALA A 472 -19.02 -26.34 12.73
N LYS A 473 -19.52 -26.93 13.82
CA LYS A 473 -20.80 -26.48 14.45
C LYS A 473 -20.58 -25.16 15.19
N LYS A 474 -19.40 -24.96 15.80
CA LYS A 474 -19.05 -23.67 16.45
C LYS A 474 -19.05 -22.57 15.38
N LEU A 475 -18.38 -22.79 14.24
CA LEU A 475 -18.25 -21.77 13.18
C LEU A 475 -19.63 -21.44 12.62
N LYS A 476 -20.52 -22.42 12.51
CA LYS A 476 -21.92 -22.18 12.08
C LYS A 476 -22.57 -21.19 13.05
N GLU A 477 -22.51 -21.48 14.36
CA GLU A 477 -23.13 -20.64 15.42
C GLU A 477 -22.55 -19.22 15.31
N MET A 478 -21.22 -19.08 15.21
CA MET A 478 -20.56 -17.76 15.10
C MET A 478 -20.98 -17.02 13.82
N ALA A 479 -21.20 -17.72 12.70
CA ALA A 479 -21.53 -17.12 11.39
C ALA A 479 -22.89 -16.44 11.47
N TRP A 480 -23.88 -17.11 12.02
CA TRP A 480 -25.24 -16.56 12.16
C TRP A 480 -25.24 -15.37 13.13
N LYS A 481 -24.44 -15.47 14.20
CA LYS A 481 -24.30 -14.41 15.25
C LYS A 481 -23.70 -13.13 14.63
N ALA A 482 -22.74 -13.30 13.72
CA ALA A 482 -22.01 -12.20 13.04
C ALA A 482 -22.95 -11.34 12.18
N VAL A 483 -23.96 -11.94 11.55
CA VAL A 483 -24.81 -11.23 10.54
C VAL A 483 -26.11 -10.73 11.19
N GLU A 484 -26.53 -11.27 12.34
CA GLU A 484 -27.69 -10.75 13.13
C GLU A 484 -27.30 -9.41 13.75
N GLU A 485 -28.30 -8.58 14.10
CA GLU A 485 -28.12 -7.26 14.76
C GLU A 485 -27.12 -7.41 15.93
N GLY A 486 -26.19 -6.48 16.09
CA GLY A 486 -25.13 -6.53 17.13
C GLY A 486 -23.92 -7.33 16.68
N GLY A 487 -24.06 -8.17 15.64
CA GLY A 487 -22.97 -9.03 15.14
C GLY A 487 -21.88 -8.22 14.47
N SER A 488 -20.68 -8.79 14.39
CA SER A 488 -19.49 -8.12 13.79
C SER A 488 -19.81 -7.64 12.37
N SER A 489 -20.55 -8.42 11.57
CA SER A 489 -20.76 -8.17 10.11
C SER A 489 -21.88 -7.15 9.93
N TYR A 490 -22.94 -7.22 10.73
CA TYR A 490 -24.01 -6.19 10.77
C TYR A 490 -23.40 -4.81 11.08
N SER A 491 -22.64 -4.74 12.18
CA SER A 491 -21.89 -3.52 12.62
C SER A 491 -21.01 -2.99 11.50
N ASP A 492 -20.16 -3.85 10.93
CA ASP A 492 -19.17 -3.35 9.93
C ASP A 492 -19.96 -2.78 8.75
N LEU A 493 -21.09 -3.38 8.34
CA LEU A 493 -21.91 -2.85 7.21
C LEU A 493 -22.47 -1.46 7.59
N SER A 494 -23.00 -1.29 8.81
CA SER A 494 -23.52 0.00 9.34
C SER A 494 -22.41 1.06 9.28
N ALA A 495 -21.19 0.73 9.70
CA ALA A 495 -20.05 1.66 9.74
C ALA A 495 -19.65 2.08 8.32
N LEU A 496 -19.64 1.13 7.39
CA LEU A 496 -19.33 1.39 5.96
C LEU A 496 -20.36 2.39 5.44
N ILE A 497 -21.65 2.15 5.66
CA ILE A 497 -22.75 2.98 5.11
C ILE A 497 -22.64 4.40 5.69
N GLU A 498 -22.50 4.52 7.00
CA GLU A 498 -22.24 5.79 7.72
C GLU A 498 -21.10 6.52 7.00
N GLU A 499 -19.97 5.85 6.79
CA GLU A 499 -18.75 6.47 6.19
C GLU A 499 -19.03 6.91 4.74
N LEU A 500 -19.84 6.17 4.00
CA LEU A 500 -20.23 6.53 2.60
C LEU A 500 -21.15 7.77 2.64
N ARG A 501 -22.08 7.86 3.60
CA ARG A 501 -22.95 9.06 3.84
C ARG A 501 -22.07 10.29 4.08
N GLY A 502 -21.13 10.22 5.02
CA GLY A 502 -20.24 11.33 5.44
C GLY A 502 -19.17 11.67 4.43
N TYR A 503 -18.99 10.90 3.36
CA TYR A 503 -17.93 11.16 2.32
C TYR A 503 -18.07 12.53 1.64
N HIS A 504 -16.97 13.30 1.64
CA HIS A 504 -16.88 14.72 1.17
C HIS A 504 -15.59 14.89 0.34
N GLN B 26 9.51 10.11 -29.52
CA GLN B 26 8.61 11.11 -28.83
C GLN B 26 9.35 11.74 -27.64
N GLN B 27 9.12 13.02 -27.34
CA GLN B 27 9.72 13.69 -26.16
C GLN B 27 8.70 13.60 -25.01
N LEU B 28 9.19 13.13 -23.86
CA LEU B 28 8.44 12.91 -22.60
C LEU B 28 8.36 14.25 -21.86
N HIS B 29 7.26 14.52 -21.13
CA HIS B 29 7.02 15.80 -20.40
C HIS B 29 6.66 15.52 -18.94
N VAL B 30 7.46 16.02 -17.99
CA VAL B 30 7.18 15.86 -16.54
C VAL B 30 6.94 17.25 -15.93
N VAL B 31 5.83 17.44 -15.25
CA VAL B 31 5.53 18.69 -14.49
C VAL B 31 5.94 18.50 -13.02
N PHE B 32 6.62 19.50 -12.46
CA PHE B 32 7.08 19.53 -11.04
C PHE B 32 6.29 20.60 -10.29
N PHE B 33 5.61 20.18 -9.22
CA PHE B 33 4.73 21.06 -8.41
C PHE B 33 5.18 21.04 -6.95
N PRO B 34 6.25 21.79 -6.58
CA PRO B 34 6.70 21.87 -5.19
C PRO B 34 5.91 22.86 -4.33
N ILE B 35 5.95 22.68 -3.01
CA ILE B 35 5.35 23.67 -2.07
C ILE B 35 6.32 24.84 -1.99
N MET B 36 5.81 26.02 -1.71
CA MET B 36 6.63 27.24 -1.64
C MET B 36 7.37 27.28 -0.30
N ALA B 37 8.40 26.43 -0.13
CA ALA B 37 9.41 26.40 0.96
C ALA B 37 10.80 26.11 0.35
N HIS B 38 11.86 26.83 0.77
CA HIS B 38 13.17 26.88 0.08
C HIS B 38 13.81 25.47 0.03
N GLY B 39 13.53 24.68 1.09
CA GLY B 39 14.04 23.31 1.31
C GLY B 39 13.32 22.27 0.45
N HIS B 40 12.12 22.56 -0.07
CA HIS B 40 11.43 21.70 -1.07
C HIS B 40 11.77 22.18 -2.48
N MET B 41 11.86 23.49 -2.68
CA MET B 41 11.97 24.15 -4.01
C MET B 41 13.31 23.82 -4.65
N ILE B 42 14.42 23.97 -3.93
CA ILE B 42 15.77 23.82 -4.53
C ILE B 42 15.97 22.35 -4.93
N PRO B 43 15.73 21.37 -4.04
CA PRO B 43 15.84 19.97 -4.44
C PRO B 43 14.87 19.62 -5.59
N THR B 44 13.71 20.27 -5.66
CA THR B 44 12.73 20.01 -6.75
C THR B 44 13.33 20.50 -8.08
N LEU B 45 13.96 21.66 -8.06
CA LEU B 45 14.66 22.18 -9.26
C LEU B 45 15.72 21.15 -9.70
N ASP B 46 16.53 20.67 -8.76
CA ASP B 46 17.64 19.73 -9.06
C ASP B 46 17.02 18.48 -9.69
N ILE B 47 15.88 17.99 -9.19
CA ILE B 47 15.24 16.79 -9.82
C ILE B 47 14.87 17.16 -11.24
N ALA B 48 14.31 18.35 -11.46
CA ALA B 48 13.91 18.82 -12.80
C ALA B 48 15.12 18.79 -13.73
N ARG B 49 16.29 19.22 -13.24
CA ARG B 49 17.53 19.26 -14.06
C ARG B 49 17.97 17.84 -14.43
N LEU B 50 17.86 16.89 -13.51
CA LEU B 50 18.26 15.49 -13.75
C LEU B 50 17.35 14.91 -14.83
N PHE B 51 16.06 15.20 -14.80
CA PHE B 51 15.13 14.77 -15.87
C PHE B 51 15.50 15.46 -17.19
N ALA B 52 15.82 16.75 -17.14
CA ALA B 52 16.14 17.54 -18.36
C ALA B 52 17.36 16.93 -19.04
N ALA B 53 18.41 16.65 -18.28
CA ALA B 53 19.69 16.07 -18.75
C ALA B 53 19.50 14.70 -19.43
N ARG B 54 18.36 14.02 -19.24
CA ARG B 54 17.98 12.75 -19.95
C ARG B 54 17.02 13.01 -21.11
N ASN B 55 16.91 14.26 -21.58
CA ASN B 55 16.11 14.69 -22.76
C ASN B 55 14.61 14.56 -22.44
N VAL B 56 14.21 14.86 -21.21
CA VAL B 56 12.78 14.95 -20.78
C VAL B 56 12.46 16.43 -20.61
N ARG B 57 11.35 16.88 -21.18
CA ARG B 57 10.85 18.26 -20.97
C ARG B 57 10.44 18.38 -19.50
N ALA B 58 11.01 19.35 -18.79
CA ALA B 58 10.74 19.58 -17.36
C ALA B 58 10.07 20.94 -17.21
N THR B 59 8.89 21.00 -16.60
CA THR B 59 8.23 22.28 -16.22
C THR B 59 8.07 22.31 -14.71
N ILE B 60 8.45 23.41 -14.06
CA ILE B 60 8.20 23.63 -12.61
C ILE B 60 7.08 24.66 -12.48
N ILE B 61 6.09 24.37 -11.64
CA ILE B 61 5.02 25.32 -11.23
C ILE B 61 5.50 26.04 -9.98
N THR B 62 5.49 27.37 -10.03
CA THR B 62 5.78 28.24 -8.86
C THR B 62 4.75 29.38 -8.85
N THR B 63 4.96 30.32 -7.94
CA THR B 63 4.10 31.52 -7.75
C THR B 63 4.96 32.73 -8.06
N PRO B 64 4.36 33.89 -8.37
CA PRO B 64 5.15 35.07 -8.76
C PRO B 64 6.20 35.58 -7.75
N LEU B 65 5.92 35.57 -6.44
CA LEU B 65 6.89 36.06 -5.42
C LEU B 65 8.01 35.03 -5.14
N ASN B 66 7.89 33.81 -5.66
CA ASN B 66 8.91 32.73 -5.51
C ASN B 66 9.67 32.55 -6.82
N ALA B 67 9.13 33.02 -7.95
CA ALA B 67 9.71 32.78 -9.29
C ALA B 67 11.19 33.15 -9.34
N HIS B 68 11.59 34.28 -8.72
CA HIS B 68 12.98 34.82 -8.74
C HIS B 68 14.01 33.76 -8.32
N THR B 69 13.65 32.86 -7.39
CA THR B 69 14.53 31.80 -6.82
C THR B 69 14.93 30.84 -7.94
N PHE B 70 13.93 30.35 -8.67
CA PHE B 70 14.09 29.39 -9.80
C PHE B 70 14.85 30.03 -10.95
N THR B 71 14.45 31.25 -11.31
CA THR B 71 14.92 31.97 -12.53
C THR B 71 16.40 32.30 -12.34
N LYS B 72 16.83 32.69 -11.11
CA LYS B 72 18.26 32.86 -10.74
C LYS B 72 18.99 31.54 -11.04
N ALA B 73 18.65 30.44 -10.34
CA ALA B 73 19.29 29.12 -10.53
C ALA B 73 19.32 28.63 -11.99
N ILE B 74 18.24 28.81 -12.75
CA ILE B 74 18.13 28.41 -14.18
C ILE B 74 19.19 29.14 -15.01
N GLU B 75 19.22 30.47 -14.99
CA GLU B 75 20.17 31.29 -15.78
C GLU B 75 21.62 31.02 -15.33
N MET B 76 21.83 30.87 -14.01
CA MET B 76 23.11 30.45 -13.38
C MET B 76 23.58 29.09 -13.95
N GLY B 77 22.70 28.09 -13.93
CA GLY B 77 22.97 26.73 -14.43
C GLY B 77 22.99 26.66 -15.96
N LYS B 78 22.17 27.46 -16.64
CA LYS B 78 21.97 27.45 -18.12
C LYS B 78 23.16 28.14 -18.78
N LYS B 79 24.24 27.37 -18.93
CA LYS B 79 25.50 27.70 -19.65
C LYS B 79 25.51 26.89 -20.95
N ASN B 80 26.68 26.41 -21.40
CA ASN B 80 26.82 25.42 -22.50
C ASN B 80 26.33 24.05 -21.97
N GLY B 81 25.85 23.18 -22.86
CA GLY B 81 25.01 22.01 -22.50
C GLY B 81 23.71 22.48 -21.90
N SER B 82 23.46 22.13 -20.63
CA SER B 82 22.43 22.74 -19.72
C SER B 82 21.04 22.82 -20.35
N PRO B 83 20.32 21.69 -20.58
CA PRO B 83 19.02 21.73 -21.23
C PRO B 83 18.00 22.62 -20.48
N THR B 84 16.98 23.10 -21.19
CA THR B 84 16.00 24.14 -20.82
C THR B 84 14.99 23.65 -19.77
N ILE B 85 14.71 24.48 -18.75
CA ILE B 85 13.69 24.21 -17.68
C ILE B 85 12.63 25.29 -17.80
N HIS B 86 11.36 24.92 -18.03
CA HIS B 86 10.21 25.85 -18.21
C HIS B 86 9.54 26.13 -16.86
N LEU B 87 9.00 27.34 -16.68
CA LEU B 87 8.28 27.82 -15.48
C LEU B 87 6.83 28.06 -15.87
N GLU B 88 5.91 27.70 -14.98
CA GLU B 88 4.48 28.04 -15.07
C GLU B 88 4.15 28.73 -13.73
N LEU B 89 3.55 29.92 -13.77
CA LEU B 89 3.22 30.70 -12.56
C LEU B 89 1.73 30.56 -12.26
N PHE B 90 1.41 30.27 -10.99
CA PHE B 90 0.03 30.19 -10.45
C PHE B 90 -0.19 31.36 -9.48
N LYS B 91 -1.42 31.87 -9.44
CA LYS B 91 -1.81 32.90 -8.46
C LYS B 91 -2.07 32.20 -7.13
N PHE B 92 -1.30 32.54 -6.11
CA PHE B 92 -1.52 32.09 -4.71
C PHE B 92 -2.59 33.00 -4.10
N PRO B 93 -3.73 32.44 -3.64
CA PRO B 93 -4.81 33.25 -3.07
C PRO B 93 -4.49 33.65 -1.62
N ALA B 94 -3.52 34.54 -1.43
CA ALA B 94 -3.08 35.06 -0.11
C ALA B 94 -4.25 35.78 0.57
N GLN B 95 -4.92 36.70 -0.13
CA GLN B 95 -5.99 37.59 0.41
C GLN B 95 -7.25 36.75 0.66
N ASP B 96 -7.60 35.88 -0.28
CA ASP B 96 -8.78 34.96 -0.24
C ASP B 96 -8.86 34.17 1.07
N VAL B 97 -7.74 33.87 1.74
CA VAL B 97 -7.69 33.05 2.99
C VAL B 97 -7.14 33.86 4.17
N GLY B 98 -6.83 35.16 3.98
CA GLY B 98 -6.48 36.08 5.06
C GLY B 98 -5.00 36.03 5.41
N LEU B 99 -4.12 35.69 4.46
CA LEU B 99 -2.65 35.80 4.69
C LEU B 99 -2.19 37.23 4.39
N PRO B 100 -1.39 37.86 5.27
CA PRO B 100 -0.83 39.18 4.99
C PRO B 100 -0.19 39.17 3.59
N GLU B 101 -0.62 40.09 2.72
CA GLU B 101 -0.16 40.17 1.31
C GLU B 101 1.37 40.09 1.24
N GLY B 102 1.89 39.32 0.29
CA GLY B 102 3.33 39.02 0.18
C GLY B 102 3.72 37.75 0.93
N CYS B 103 2.80 37.10 1.61
CA CYS B 103 3.05 35.79 2.27
C CYS B 103 2.70 34.67 1.29
N GLU B 104 3.63 34.33 0.38
CA GLU B 104 3.51 33.25 -0.64
C GLU B 104 4.47 32.09 -0.31
N ASN B 105 5.10 32.08 0.87
CA ASN B 105 6.19 31.16 1.29
C ASN B 105 5.90 30.61 2.69
N LEU B 106 6.06 29.30 2.89
CA LEU B 106 5.85 28.62 4.21
C LEU B 106 6.73 29.27 5.29
N GLU B 107 7.82 29.94 4.90
CA GLU B 107 8.76 30.61 5.84
C GLU B 107 8.14 31.86 6.46
N GLN B 108 7.18 32.50 5.78
CA GLN B 108 6.48 33.74 6.22
C GLN B 108 5.27 33.38 7.10
N ALA B 109 4.81 32.12 7.08
CA ALA B 109 3.69 31.63 7.92
C ALA B 109 4.19 31.35 9.34
N LEU B 110 4.51 32.43 10.07
CA LEU B 110 4.98 32.45 11.47
C LEU B 110 3.77 32.57 12.41
N GLY B 111 3.72 31.74 13.45
CA GLY B 111 2.63 31.68 14.43
C GLY B 111 1.69 30.53 14.12
N SER B 112 0.99 30.07 15.16
CA SER B 112 -0.13 29.10 15.10
C SER B 112 -1.09 29.48 13.95
N SER B 113 -1.45 30.77 13.86
CA SER B 113 -2.59 31.31 13.08
C SER B 113 -2.36 31.16 11.57
N LEU B 114 -1.16 31.52 11.09
CA LEU B 114 -0.87 31.68 9.63
C LEU B 114 -0.68 30.30 8.95
N ILE B 115 -0.02 29.35 9.61
CA ILE B 115 0.27 28.00 9.04
C ILE B 115 -1.04 27.34 8.61
N GLU B 116 -2.11 27.42 9.41
CA GLU B 116 -3.41 26.81 9.04
C GLU B 116 -4.01 27.54 7.83
N LYS B 117 -3.89 28.87 7.75
CA LYS B 117 -4.39 29.65 6.59
C LYS B 117 -3.54 29.32 5.36
N PHE B 118 -2.22 29.16 5.54
CA PHE B 118 -1.25 28.84 4.47
C PHE B 118 -1.64 27.52 3.78
N PHE B 119 -2.02 26.47 4.53
CA PHE B 119 -2.41 25.15 3.98
C PHE B 119 -3.77 25.24 3.28
N LYS B 120 -4.73 25.98 3.84
CA LYS B 120 -6.01 26.24 3.13
C LYS B 120 -5.67 27.00 1.84
N GLY B 121 -4.72 27.94 1.91
CA GLY B 121 -4.13 28.65 0.78
C GLY B 121 -3.72 27.68 -0.33
N VAL B 122 -2.79 26.78 -0.05
CA VAL B 122 -2.14 25.91 -1.09
C VAL B 122 -3.16 24.89 -1.62
N GLY B 123 -4.12 24.45 -0.80
CA GLY B 123 -5.23 23.54 -1.19
C GLY B 123 -6.13 24.16 -2.25
N LEU B 124 -6.25 25.48 -2.26
CA LEU B 124 -7.04 26.20 -3.30
C LEU B 124 -6.24 26.37 -4.60
N LEU B 125 -5.06 25.76 -4.73
CA LEU B 125 -4.30 25.78 -6.02
C LEU B 125 -4.83 24.67 -6.93
N ARG B 126 -5.79 23.88 -6.43
CA ARG B 126 -6.25 22.65 -7.14
C ARG B 126 -6.87 23.03 -8.48
N GLU B 127 -7.73 24.04 -8.50
CA GLU B 127 -8.44 24.50 -9.71
C GLU B 127 -7.40 24.76 -10.82
N GLN B 128 -6.34 25.49 -10.46
CA GLN B 128 -5.27 25.87 -11.42
C GLN B 128 -4.51 24.62 -11.86
N LEU B 129 -4.23 23.70 -10.94
CA LEU B 129 -3.43 22.49 -11.29
C LEU B 129 -4.25 21.64 -12.28
N GLU B 130 -5.54 21.43 -11.96
CA GLU B 130 -6.44 20.64 -12.83
C GLU B 130 -6.51 21.31 -14.21
N ALA B 131 -6.64 22.65 -14.27
CA ALA B 131 -6.70 23.43 -15.52
C ALA B 131 -5.42 23.20 -16.35
N TYR B 132 -4.26 23.29 -15.70
CA TYR B 132 -2.94 23.21 -16.38
C TYR B 132 -2.71 21.79 -16.93
N LEU B 133 -3.18 20.76 -16.23
CA LEU B 133 -2.97 19.34 -16.61
C LEU B 133 -3.93 19.00 -17.76
N GLU B 134 -5.20 19.42 -17.67
CA GLU B 134 -6.21 19.34 -18.77
C GLU B 134 -5.61 19.94 -20.05
N LYS B 135 -4.99 21.13 -19.95
CA LYS B 135 -4.41 21.87 -21.09
C LYS B 135 -3.18 21.15 -21.64
N THR B 136 -2.18 20.77 -20.82
CA THR B 136 -0.83 20.35 -21.30
C THR B 136 -0.68 18.82 -21.39
N ARG B 137 -1.51 18.03 -20.70
CA ARG B 137 -1.47 16.54 -20.70
C ARG B 137 -0.03 16.01 -20.64
N PRO B 138 0.74 16.30 -19.56
CA PRO B 138 2.10 15.76 -19.43
C PRO B 138 2.07 14.25 -19.10
N ASN B 139 3.21 13.60 -19.24
CA ASN B 139 3.35 12.13 -19.03
C ASN B 139 3.36 11.81 -17.53
N CYS B 140 3.83 12.74 -16.68
CA CYS B 140 3.84 12.51 -15.21
C CYS B 140 3.79 13.83 -14.45
N LEU B 141 3.12 13.84 -13.29
CA LEU B 141 3.19 14.95 -12.30
C LEU B 141 4.04 14.49 -11.11
N VAL B 142 5.14 15.18 -10.82
CA VAL B 142 5.87 15.07 -9.51
C VAL B 142 5.39 16.20 -8.60
N ALA B 143 4.57 15.87 -7.61
CA ALA B 143 3.95 16.83 -6.70
C ALA B 143 4.50 16.63 -5.28
N ASP B 144 4.74 17.76 -4.61
CA ASP B 144 5.16 17.82 -3.18
C ASP B 144 4.27 16.92 -2.33
N MET B 145 4.89 16.28 -1.31
CA MET B 145 4.18 15.52 -0.24
C MET B 145 3.00 16.33 0.29
N PHE B 146 3.11 17.66 0.34
CA PHE B 146 2.08 18.53 0.98
C PHE B 146 0.83 18.65 0.09
N PHE B 147 0.85 18.13 -1.13
CA PHE B 147 -0.35 18.15 -2.03
C PHE B 147 -0.88 16.74 -2.22
N PRO B 148 -1.53 16.13 -1.20
CA PRO B 148 -2.03 14.75 -1.33
C PRO B 148 -3.11 14.63 -2.41
N TRP B 149 -3.91 15.69 -2.55
CA TRP B 149 -5.01 15.85 -3.55
C TRP B 149 -4.46 15.84 -4.97
N ALA B 150 -3.16 16.06 -5.17
CA ALA B 150 -2.54 16.07 -6.51
C ALA B 150 -2.67 14.73 -7.23
N THR B 151 -2.81 13.62 -6.48
CA THR B 151 -3.02 12.27 -7.05
C THR B 151 -4.36 12.23 -7.83
N ASP B 152 -5.46 12.60 -7.16
CA ASP B 152 -6.84 12.69 -7.72
C ASP B 152 -6.84 13.60 -8.96
N SER B 153 -6.10 14.70 -8.90
CA SER B 153 -6.06 15.75 -9.94
C SER B 153 -5.39 15.19 -11.19
N ALA B 154 -4.29 14.48 -11.01
CA ALA B 154 -3.50 13.90 -12.12
C ALA B 154 -4.30 12.74 -12.73
N ALA B 155 -5.06 12.03 -11.89
CA ALA B 155 -5.84 10.81 -12.23
C ALA B 155 -6.98 11.17 -13.19
N LYS B 156 -7.62 12.32 -13.00
CA LYS B 156 -8.72 12.83 -13.87
C LYS B 156 -8.28 12.80 -15.34
N PHE B 157 -6.99 12.91 -15.63
CA PHE B 157 -6.45 12.88 -17.01
C PHE B 157 -5.56 11.65 -17.23
N ASN B 158 -5.74 10.59 -16.43
CA ASN B 158 -4.94 9.33 -16.47
C ASN B 158 -3.43 9.67 -16.58
N ILE B 159 -2.97 10.61 -15.76
CA ILE B 159 -1.53 10.98 -15.57
C ILE B 159 -1.04 10.36 -14.28
N PRO B 160 0.10 9.63 -14.29
CA PRO B 160 0.68 9.14 -13.04
C PRO B 160 1.25 10.30 -12.20
N ARG B 161 1.01 10.26 -10.91
CA ARG B 161 1.56 11.25 -9.94
C ARG B 161 2.59 10.55 -9.04
N LEU B 162 3.80 11.14 -9.01
CA LEU B 162 4.86 10.79 -8.04
C LEU B 162 4.84 11.77 -6.86
N VAL B 163 5.06 11.25 -5.66
CA VAL B 163 5.28 12.05 -4.42
C VAL B 163 6.79 12.28 -4.23
N PHE B 164 7.17 13.51 -3.92
CA PHE B 164 8.54 13.90 -3.49
C PHE B 164 8.48 14.58 -2.11
N HIS B 165 9.16 14.00 -1.10
CA HIS B 165 9.16 14.48 0.32
C HIS B 165 10.36 15.39 0.61
N GLY B 166 11.52 15.06 0.05
CA GLY B 166 12.81 15.74 0.34
C GLY B 166 13.49 15.26 1.62
N THR B 167 13.19 14.04 2.09
CA THR B 167 13.82 13.48 3.31
C THR B 167 14.38 12.08 3.03
N SER B 168 14.97 11.48 4.07
CA SER B 168 15.59 10.12 4.04
C SER B 168 14.53 9.03 3.94
N PHE B 169 14.90 7.91 3.33
CA PHE B 169 14.11 6.66 3.43
C PHE B 169 13.83 6.42 4.91
N PHE B 170 14.87 6.57 5.73
CA PHE B 170 14.79 6.32 7.18
C PHE B 170 13.61 7.11 7.76
N SER B 171 13.56 8.43 7.58
CA SER B 171 12.46 9.31 8.09
C SER B 171 11.12 8.85 7.53
N LEU B 172 11.01 8.60 6.22
CA LEU B 172 9.73 8.14 5.62
C LEU B 172 9.26 6.88 6.37
N CYS B 173 10.17 5.93 6.63
CA CYS B 173 9.81 4.67 7.35
C CYS B 173 9.46 4.98 8.80
N ALA B 174 10.26 5.81 9.47
CA ALA B 174 10.14 6.04 10.93
C ALA B 174 8.80 6.72 11.20
N LEU B 175 8.47 7.78 10.48
CA LEU B 175 7.18 8.50 10.63
C LEU B 175 6.06 7.47 10.49
N GLU B 176 6.16 6.61 9.49
CA GLU B 176 5.03 5.73 9.11
C GLU B 176 4.86 4.66 10.21
N VAL B 177 5.94 4.14 10.79
CA VAL B 177 5.73 3.12 11.86
C VAL B 177 5.26 3.84 13.13
N VAL B 178 5.70 5.06 13.35
CA VAL B 178 5.21 5.83 14.55
C VAL B 178 3.72 6.10 14.36
N ARG B 179 3.27 6.54 13.19
CA ARG B 179 1.85 6.87 12.92
C ARG B 179 0.99 5.63 13.14
N LEU B 180 1.42 4.47 12.65
CA LEU B 180 0.58 3.23 12.58
C LEU B 180 0.55 2.50 13.93
N TYR B 181 1.67 2.35 14.63
CA TYR B 181 1.79 1.49 15.85
C TYR B 181 1.74 2.36 17.11
N GLU B 182 1.72 3.68 16.95
CA GLU B 182 1.66 4.66 18.07
C GLU B 182 2.41 4.19 19.31
N PRO B 183 3.72 3.87 19.26
CA PRO B 183 4.44 3.34 20.44
C PRO B 183 4.49 4.26 21.66
N HIS B 184 4.10 5.52 21.48
CA HIS B 184 4.17 6.62 22.49
C HIS B 184 2.93 6.66 23.40
N LYS B 185 1.85 5.97 23.06
CA LYS B 185 0.62 5.89 23.88
C LYS B 185 0.85 4.90 25.04
N ASN B 186 1.83 3.99 24.89
CA ASN B 186 2.20 2.92 25.86
C ASN B 186 3.40 3.37 26.70
N VAL B 187 3.67 4.69 26.80
CA VAL B 187 4.57 5.23 27.86
C VAL B 187 3.72 6.14 28.75
N SER B 188 4.32 6.63 29.85
CA SER B 188 3.66 7.34 30.97
C SER B 188 4.24 8.75 31.20
N SER B 189 5.51 8.98 30.87
CA SER B 189 6.22 10.27 31.10
C SER B 189 6.87 10.78 29.80
N ASP B 190 7.26 12.07 29.79
CA ASP B 190 7.82 12.81 28.62
C ASP B 190 9.15 12.22 28.17
N GLU B 191 9.93 11.62 29.08
CA GLU B 191 11.33 11.16 28.89
C GLU B 191 11.45 9.63 28.78
N GLU B 192 10.34 8.89 28.86
CA GLU B 192 10.38 7.40 28.79
C GLU B 192 10.66 6.97 27.35
N LEU B 193 11.72 6.18 27.14
CA LEU B 193 12.15 5.68 25.80
C LEU B 193 11.24 4.52 25.37
N PHE B 194 10.83 4.55 24.10
CA PHE B 194 10.14 3.43 23.42
C PHE B 194 10.89 3.13 22.12
N SER B 195 10.94 1.85 21.78
CA SER B 195 11.52 1.35 20.51
C SER B 195 10.52 1.61 19.36
N LEU B 196 11.04 1.94 18.18
CA LEU B 196 10.31 1.89 16.89
C LEU B 196 10.12 0.43 16.51
N PRO B 197 8.85 -0.02 16.45
CA PRO B 197 8.53 -1.38 16.03
C PRO B 197 9.01 -1.79 14.63
N LEU B 198 9.28 -3.08 14.44
CA LEU B 198 9.58 -3.72 13.12
C LEU B 198 10.99 -3.39 12.64
N PHE B 199 11.56 -2.27 13.06
CA PHE B 199 12.81 -1.70 12.48
C PHE B 199 13.96 -2.70 12.59
N PRO B 200 14.82 -2.78 11.55
CA PRO B 200 15.98 -3.67 11.59
C PRO B 200 17.15 -3.13 12.44
N HIS B 201 16.98 -1.95 13.05
CA HIS B 201 17.87 -1.38 14.07
C HIS B 201 17.00 -0.98 15.22
N ASP B 202 17.52 -1.10 16.44
CA ASP B 202 16.78 -0.69 17.66
C ASP B 202 16.93 0.82 17.80
N ILE B 203 15.81 1.54 17.76
CA ILE B 203 15.78 3.03 17.71
C ILE B 203 14.84 3.46 18.83
N LYS B 204 15.36 4.20 19.80
CA LYS B 204 14.56 4.64 20.96
C LYS B 204 14.29 6.13 20.84
N MET B 205 13.02 6.54 20.98
CA MET B 205 12.64 7.97 21.03
C MET B 205 11.88 8.19 22.33
N MET B 206 11.66 9.45 22.66
CA MET B 206 10.77 9.87 23.77
C MET B 206 9.72 10.81 23.18
N ARG B 207 8.59 10.98 23.84
CA ARG B 207 7.49 11.90 23.41
C ARG B 207 8.04 13.30 23.12
N LEU B 208 9.01 13.78 23.89
CA LEU B 208 9.57 15.16 23.70
C LEU B 208 10.01 15.38 22.25
N GLN B 209 10.42 14.31 21.56
CA GLN B 209 11.03 14.34 20.21
C GLN B 209 9.95 14.31 19.14
N LEU B 210 8.69 13.99 19.48
CA LEU B 210 7.53 14.01 18.55
C LEU B 210 6.78 15.33 18.68
N PRO B 211 6.11 15.81 17.61
CA PRO B 211 5.32 17.04 17.67
C PRO B 211 4.21 16.94 18.72
N GLU B 212 3.97 17.99 19.49
CA GLU B 212 3.05 18.01 20.66
C GLU B 212 1.60 17.68 20.25
N ASP B 213 1.20 17.87 18.98
CA ASP B 213 -0.17 17.50 18.50
C ASP B 213 -0.32 15.98 18.57
N VAL B 214 0.66 15.18 18.18
CA VAL B 214 0.54 13.69 18.10
C VAL B 214 0.35 13.07 19.50
N TRP B 215 0.90 13.65 20.56
CA TRP B 215 1.16 12.93 21.84
C TRP B 215 0.49 13.64 23.03
N LYS B 216 0.33 14.96 22.97
CA LYS B 216 -0.17 15.75 24.14
C LYS B 216 -1.64 16.14 23.87
N HIS B 217 -1.90 17.20 23.06
CA HIS B 217 -3.27 17.72 22.82
C HIS B 217 -3.67 17.49 21.35
N GLU B 218 -4.40 16.41 21.05
CA GLU B 218 -4.62 15.92 19.65
C GLU B 218 -5.38 17.00 18.87
N LYS B 219 -4.71 17.63 17.89
CA LYS B 219 -5.28 18.59 16.91
C LYS B 219 -5.58 17.85 15.60
N ALA B 220 -6.86 17.71 15.23
CA ALA B 220 -7.34 16.96 14.04
C ALA B 220 -6.57 17.43 12.80
N GLU B 221 -6.33 18.74 12.68
CA GLU B 221 -5.77 19.41 11.48
C GLU B 221 -4.42 18.77 11.11
N GLY B 222 -3.42 18.81 12.01
CA GLY B 222 -2.05 18.31 11.76
C GLY B 222 -2.02 16.79 11.58
N LYS B 223 -2.88 16.10 12.32
CA LYS B 223 -3.03 14.61 12.35
C LYS B 223 -3.65 14.13 11.05
N THR B 224 -4.71 14.80 10.56
CA THR B 224 -5.38 14.49 9.28
C THR B 224 -4.36 14.77 8.17
N ARG B 225 -3.69 15.93 8.25
CA ARG B 225 -2.74 16.40 7.22
C ARG B 225 -1.68 15.32 7.03
N LEU B 226 -1.07 14.86 8.12
CA LEU B 226 -0.02 13.80 8.10
C LEU B 226 -0.63 12.50 7.56
N LYS B 227 -1.83 12.12 7.98
CA LYS B 227 -2.52 10.89 7.50
C LYS B 227 -2.58 10.94 5.97
N LEU B 228 -3.08 12.04 5.40
CA LEU B 228 -3.34 12.11 3.94
C LEU B 228 -2.00 12.12 3.19
N ILE B 229 -0.98 12.77 3.73
CA ILE B 229 0.40 12.74 3.14
C ILE B 229 0.92 11.29 3.05
N LYS B 230 0.82 10.52 4.13
CA LYS B 230 1.40 9.14 4.19
C LYS B 230 0.53 8.25 3.31
N GLU B 231 -0.80 8.39 3.36
CA GLU B 231 -1.74 7.56 2.55
C GLU B 231 -1.48 7.82 1.05
N SER B 232 -1.05 9.03 0.67
CA SER B 232 -0.75 9.40 -0.74
C SER B 232 0.45 8.62 -1.31
N GLU B 233 1.35 8.15 -0.45
CA GLU B 233 2.54 7.37 -0.89
C GLU B 233 2.07 6.04 -1.50
N LEU B 234 1.00 5.45 -0.98
CA LEU B 234 0.41 4.18 -1.47
C LEU B 234 -0.65 4.47 -2.56
N LYS B 235 -1.36 5.59 -2.48
CA LYS B 235 -2.46 5.94 -3.41
C LYS B 235 -1.88 6.34 -4.77
N SER B 236 -0.69 6.95 -4.82
CA SER B 236 -0.08 7.55 -6.02
C SER B 236 0.63 6.45 -6.81
N TYR B 237 1.26 6.78 -7.94
CA TYR B 237 2.00 5.81 -8.78
C TYR B 237 3.25 5.37 -8.01
N GLY B 238 3.91 6.29 -7.29
CA GLY B 238 5.10 5.95 -6.47
C GLY B 238 5.73 7.18 -5.83
N VAL B 239 6.93 6.99 -5.27
CA VAL B 239 7.66 8.05 -4.50
C VAL B 239 9.02 8.23 -5.16
N ILE B 240 9.43 9.47 -5.47
CA ILE B 240 10.84 9.82 -5.78
C ILE B 240 11.50 10.17 -4.43
N VAL B 241 12.71 9.69 -4.21
CA VAL B 241 13.46 9.82 -2.92
C VAL B 241 14.82 10.40 -3.21
N ASN B 242 15.15 11.45 -2.48
CA ASN B 242 16.41 12.18 -2.62
C ASN B 242 17.43 11.52 -1.68
N SER B 243 17.71 10.24 -1.94
CA SER B 243 18.72 9.41 -1.22
C SER B 243 19.39 8.47 -2.23
N PHE B 244 20.37 7.69 -1.77
CA PHE B 244 21.02 6.65 -2.61
C PHE B 244 20.96 5.35 -1.83
N TYR B 245 20.71 4.28 -2.57
CA TYR B 245 20.44 2.93 -2.01
C TYR B 245 21.50 2.58 -0.95
N GLU B 246 22.77 2.81 -1.31
CA GLU B 246 23.97 2.35 -0.56
C GLU B 246 24.07 3.08 0.78
N LEU B 247 23.38 4.22 0.95
CA LEU B 247 23.43 5.05 2.18
C LEU B 247 22.63 4.39 3.29
N GLU B 248 21.47 3.84 2.95
CA GLU B 248 20.51 3.28 3.92
C GLU B 248 19.82 2.09 3.27
N PRO B 249 20.58 1.11 2.72
CA PRO B 249 19.99 -0.04 2.03
C PRO B 249 18.79 -0.69 2.73
N ASN B 250 18.86 -0.82 4.04
CA ASN B 250 17.80 -1.47 4.85
C ASN B 250 16.50 -0.66 4.82
N TYR B 251 16.54 0.67 4.67
CA TYR B 251 15.33 1.52 4.73
C TYR B 251 14.77 1.72 3.32
N ALA B 252 15.63 1.84 2.32
CA ALA B 252 15.27 1.72 0.89
C ALA B 252 14.46 0.43 0.64
N GLU B 253 14.81 -0.69 1.29
CA GLU B 253 14.07 -1.98 1.21
C GLU B 253 12.84 -1.91 2.11
N PHE B 254 12.99 -1.58 3.39
CA PHE B 254 11.83 -1.52 4.33
C PHE B 254 10.67 -0.70 3.71
N PHE B 255 11.00 0.41 3.06
CA PHE B 255 10.01 1.37 2.51
C PHE B 255 9.20 0.72 1.40
N ARG B 256 9.88 -0.03 0.53
CA ARG B 256 9.32 -0.78 -0.64
C ARG B 256 8.62 -2.07 -0.22
N LYS B 257 9.12 -2.81 0.78
CA LYS B 257 8.63 -4.18 1.08
C LYS B 257 7.66 -4.12 2.26
N GLU B 258 8.16 -3.90 3.47
CA GLU B 258 7.30 -3.79 4.67
C GLU B 258 6.17 -2.80 4.42
N LEU B 259 6.47 -1.58 3.96
CA LEU B 259 5.47 -0.48 3.88
C LEU B 259 4.91 -0.40 2.46
N GLY B 260 5.44 -1.20 1.53
CA GLY B 260 4.80 -1.56 0.26
C GLY B 260 4.68 -0.41 -0.73
N ARG B 261 5.59 0.57 -0.67
CA ARG B 261 5.65 1.72 -1.59
C ARG B 261 6.47 1.32 -2.82
N ARG B 262 6.03 1.81 -3.98
CA ARG B 262 6.85 1.87 -5.20
C ARG B 262 7.70 3.11 -5.07
N ALA B 263 9.01 3.01 -5.31
CA ALA B 263 9.96 4.09 -5.02
C ALA B 263 11.13 4.01 -5.99
N TRP B 264 11.76 5.14 -6.23
CA TRP B 264 13.07 5.28 -6.92
C TRP B 264 13.97 6.15 -6.05
N ASN B 265 15.25 5.81 -5.93
CA ASN B 265 16.25 6.64 -5.23
C ASN B 265 17.11 7.22 -6.33
N ILE B 266 17.13 8.55 -6.40
CA ILE B 266 17.81 9.28 -7.50
C ILE B 266 18.74 10.35 -6.96
N GLY B 267 19.06 10.35 -5.68
CA GLY B 267 19.90 11.40 -5.07
C GLY B 267 21.32 10.92 -4.88
N PRO B 268 22.18 11.76 -4.26
CA PRO B 268 21.79 13.13 -3.89
C PRO B 268 21.57 14.02 -5.12
N VAL B 269 20.41 14.65 -5.23
CA VAL B 269 20.07 15.38 -6.49
C VAL B 269 20.96 16.63 -6.64
N SER B 270 21.50 17.18 -5.55
CA SER B 270 22.41 18.37 -5.52
C SER B 270 23.70 18.16 -6.35
N LEU B 271 24.07 16.92 -6.65
CA LEU B 271 25.30 16.58 -7.41
C LEU B 271 25.03 16.54 -8.91
N CYS B 272 23.89 17.03 -9.35
CA CYS B 272 23.37 16.88 -10.75
C CYS B 272 24.32 17.62 -11.70
N ASN B 273 24.61 18.89 -11.40
CA ASN B 273 25.40 19.83 -12.21
C ASN B 273 26.85 19.69 -11.77
N ARG B 274 27.36 18.46 -11.80
CA ARG B 274 28.75 18.11 -11.45
C ARG B 274 29.09 16.75 -12.08
N HIS B 291 36.54 33.05 -2.44
CA HIS B 291 35.89 33.77 -1.31
C HIS B 291 36.95 34.08 -0.25
N GLU B 292 36.66 35.02 0.65
CA GLU B 292 37.57 35.50 1.73
C GLU B 292 37.87 34.34 2.69
N CYS B 293 36.83 33.56 3.02
CA CYS B 293 36.88 32.47 4.04
C CYS B 293 37.67 31.28 3.50
N LEU B 294 37.64 31.07 2.18
CA LEU B 294 38.45 30.00 1.53
C LEU B 294 39.95 30.33 1.67
N LYS B 295 40.34 31.59 1.43
CA LYS B 295 41.75 32.07 1.60
C LYS B 295 42.17 31.86 3.07
N TRP B 296 41.31 32.27 4.00
CA TRP B 296 41.45 32.02 5.46
C TRP B 296 41.69 30.53 5.70
N LEU B 297 40.83 29.67 5.14
CA LEU B 297 40.85 28.20 5.39
C LEU B 297 42.16 27.61 4.84
N ASN B 298 42.66 28.12 3.70
CA ASN B 298 43.88 27.65 3.00
C ASN B 298 45.08 27.62 3.96
N SER B 299 45.11 28.56 4.91
CA SER B 299 46.21 28.74 5.89
C SER B 299 46.16 27.69 7.03
N LYS B 300 45.07 26.93 7.16
CA LYS B 300 44.78 26.09 8.36
C LYS B 300 45.11 24.62 8.07
N LYS B 301 45.37 23.85 9.13
CA LYS B 301 45.59 22.37 9.09
C LYS B 301 44.32 21.65 8.60
N LYS B 302 44.50 20.48 8.01
CA LYS B 302 43.38 19.60 7.64
C LYS B 302 42.56 19.28 8.90
N ASN B 303 41.23 19.28 8.76
CA ASN B 303 40.25 18.73 9.75
C ASN B 303 40.33 19.53 11.04
N SER B 304 40.60 20.83 10.95
CA SER B 304 40.94 21.70 12.11
C SER B 304 39.82 22.72 12.39
N VAL B 305 38.93 22.95 11.42
CA VAL B 305 37.88 24.01 11.50
C VAL B 305 36.49 23.37 11.64
N ILE B 306 35.69 23.89 12.58
CA ILE B 306 34.24 23.61 12.73
C ILE B 306 33.47 24.65 11.89
N TYR B 307 32.65 24.16 10.96
CA TYR B 307 31.70 25.01 10.21
C TYR B 307 30.38 24.93 10.96
N ILE B 308 29.80 26.08 11.31
CA ILE B 308 28.43 26.16 11.92
C ILE B 308 27.56 26.93 10.94
N CYS B 309 26.48 26.28 10.47
CA CYS B 309 25.48 26.85 9.55
C CYS B 309 24.16 26.10 9.70
N PHE B 310 23.13 26.82 10.13
CA PHE B 310 21.79 26.30 10.47
C PHE B 310 20.88 26.47 9.24
N GLY B 311 21.23 27.39 8.32
CA GLY B 311 20.45 27.72 7.11
C GLY B 311 19.45 28.84 7.39
N SER B 312 18.42 29.00 6.55
CA SER B 312 17.33 29.98 6.79
C SER B 312 16.10 29.23 7.35
N THR B 313 16.25 27.92 7.62
CA THR B 313 15.22 27.04 8.24
C THR B 313 14.69 27.67 9.55
N ALA B 314 15.57 27.98 10.50
CA ALA B 314 15.23 28.47 11.87
C ALA B 314 15.45 29.98 11.99
N HIS B 315 14.81 30.59 12.99
CA HIS B 315 15.17 31.90 13.59
C HIS B 315 16.05 31.66 14.82
N GLN B 316 17.32 32.07 14.76
CA GLN B 316 18.29 31.99 15.90
C GLN B 316 18.11 33.18 16.85
N ILE B 317 17.57 32.93 18.05
CA ILE B 317 17.28 33.95 19.09
C ILE B 317 18.58 34.29 19.83
N ALA B 318 18.67 35.52 20.38
CA ALA B 318 19.90 36.14 20.93
C ALA B 318 20.52 35.25 22.01
N PRO B 319 19.72 34.75 22.99
CA PRO B 319 20.27 33.94 24.08
C PRO B 319 20.89 32.63 23.57
N GLN B 320 20.40 32.08 22.44
CA GLN B 320 20.93 30.82 21.89
C GLN B 320 22.29 31.12 21.26
N LEU B 321 22.38 32.21 20.52
CA LEU B 321 23.60 32.67 19.80
C LEU B 321 24.71 32.94 20.83
N TYR B 322 24.38 33.58 21.95
CA TYR B 322 25.31 33.90 23.07
C TYR B 322 25.97 32.60 23.57
N GLU B 323 25.17 31.57 23.87
CA GLU B 323 25.65 30.27 24.43
C GLU B 323 26.55 29.57 23.41
N ILE B 324 26.22 29.67 22.11
CA ILE B 324 27.03 29.13 20.99
C ILE B 324 28.38 29.85 20.97
N ALA B 325 28.37 31.18 21.05
CA ALA B 325 29.58 32.04 21.09
C ALA B 325 30.50 31.63 22.27
N MET B 326 29.94 31.44 23.46
CA MET B 326 30.77 31.11 24.65
C MET B 326 31.34 29.70 24.50
N ALA B 327 30.59 28.80 23.86
CA ALA B 327 30.99 27.39 23.65
C ALA B 327 32.17 27.36 22.68
N LEU B 328 32.13 28.18 21.63
CA LEU B 328 33.17 28.20 20.58
C LEU B 328 34.50 28.64 21.22
N GLU B 329 34.50 29.75 21.97
CA GLU B 329 35.68 30.27 22.72
C GLU B 329 36.23 29.17 23.64
N ALA B 330 35.37 28.58 24.49
CA ALA B 330 35.80 27.65 25.55
C ALA B 330 36.41 26.39 24.92
N SER B 331 35.96 26.01 23.72
CA SER B 331 36.30 24.72 23.05
C SER B 331 37.73 24.78 22.52
N GLY B 332 38.21 25.99 22.21
CA GLY B 332 39.55 26.22 21.61
C GLY B 332 39.58 25.93 20.11
N GLN B 333 38.55 25.28 19.58
CA GLN B 333 38.54 24.78 18.16
C GLN B 333 38.47 26.01 17.24
N GLU B 334 39.14 25.96 16.10
CA GLU B 334 38.99 27.02 15.06
C GLU B 334 37.62 26.79 14.38
N PHE B 335 37.00 27.86 13.88
CA PHE B 335 35.58 27.83 13.46
C PHE B 335 35.25 28.92 12.44
N ILE B 336 34.39 28.55 11.49
CA ILE B 336 33.61 29.48 10.62
C ILE B 336 32.14 29.33 11.04
N TRP B 337 31.54 30.43 11.48
CA TRP B 337 30.18 30.52 12.07
C TRP B 337 29.34 31.46 11.22
N VAL B 338 28.35 30.90 10.53
CA VAL B 338 27.41 31.70 9.68
C VAL B 338 26.14 31.98 10.49
N VAL B 339 25.79 33.27 10.62
CA VAL B 339 24.63 33.83 11.38
C VAL B 339 23.73 34.56 10.38
N ARG B 340 22.41 34.34 10.43
CA ARG B 340 21.48 34.80 9.35
C ARG B 340 21.37 36.33 9.33
N ASP B 351 24.46 44.35 18.22
CA ASP B 351 25.33 43.16 18.45
C ASP B 351 25.42 42.84 19.95
N SER B 352 24.26 42.81 20.62
CA SER B 352 24.12 42.63 22.09
C SER B 352 24.33 41.17 22.48
N TRP B 353 24.31 40.22 21.51
CA TRP B 353 24.26 38.75 21.76
C TRP B 353 25.65 38.12 21.71
N LEU B 354 26.68 38.86 21.26
CA LEU B 354 28.11 38.52 21.39
C LEU B 354 28.64 38.92 22.78
N PRO B 355 29.39 38.01 23.45
CA PRO B 355 30.12 38.39 24.65
C PRO B 355 31.09 39.53 24.30
N ARG B 356 31.43 40.33 25.32
CA ARG B 356 32.09 41.67 25.26
C ARG B 356 33.31 41.71 24.33
N GLY B 357 34.32 40.87 24.58
CA GLY B 357 35.61 40.96 23.82
C GLY B 357 35.70 40.05 22.58
N PHE B 358 34.57 39.55 22.05
CA PHE B 358 34.53 38.26 21.30
C PHE B 358 35.33 38.36 20.00
N GLU B 359 34.95 39.31 19.16
CA GLU B 359 35.59 39.61 17.83
C GLU B 359 37.10 39.69 17.96
N GLN B 360 37.58 40.35 19.02
CA GLN B 360 39.02 40.60 19.28
C GLN B 360 39.69 39.28 19.67
N ARG B 361 39.17 38.61 20.70
CA ARG B 361 39.81 37.42 21.32
C ARG B 361 39.89 36.24 20.35
N VAL B 362 39.10 36.21 19.26
CA VAL B 362 39.06 35.05 18.32
C VAL B 362 39.66 35.41 16.96
N GLU B 363 40.21 36.63 16.81
CA GLU B 363 40.73 37.19 15.53
C GLU B 363 41.69 36.12 15.00
N GLY B 364 41.44 35.52 13.84
CA GLY B 364 42.34 34.51 13.29
C GLY B 364 42.16 33.09 13.80
N LYS B 365 41.51 32.80 14.94
CA LYS B 365 41.13 31.37 15.22
C LYS B 365 39.68 31.14 14.78
N GLY B 366 38.93 32.24 14.59
CA GLY B 366 37.49 32.22 14.33
C GLY B 366 37.07 33.31 13.36
N LEU B 367 36.11 32.97 12.50
CA LEU B 367 35.44 33.89 11.53
C LEU B 367 33.94 33.85 11.76
N ILE B 368 33.27 35.01 11.86
CA ILE B 368 31.78 35.10 11.87
C ILE B 368 31.35 35.72 10.54
N ILE B 369 30.45 35.05 9.81
CA ILE B 369 29.90 35.53 8.52
C ILE B 369 28.41 35.83 8.74
N ARG B 370 27.97 37.03 8.36
CA ARG B 370 26.54 37.42 8.32
C ARG B 370 26.01 37.25 6.88
N GLY B 371 25.03 36.34 6.75
CA GLY B 371 24.18 36.17 5.56
C GLY B 371 24.57 34.93 4.76
N TRP B 372 25.00 35.16 3.51
CA TRP B 372 25.31 34.10 2.50
C TRP B 372 26.77 33.67 2.67
N ALA B 373 26.99 32.35 2.79
CA ALA B 373 28.31 31.68 2.70
C ALA B 373 28.28 30.73 1.51
N PRO B 374 29.40 30.55 0.77
CA PRO B 374 29.49 29.51 -0.26
C PRO B 374 29.63 28.13 0.40
N GLN B 375 28.50 27.59 0.85
CA GLN B 375 28.42 26.44 1.80
C GLN B 375 29.15 25.23 1.25
N VAL B 376 28.86 24.82 0.02
CA VAL B 376 29.41 23.59 -0.62
C VAL B 376 30.96 23.66 -0.64
N LEU B 377 31.49 24.79 -1.11
CA LEU B 377 32.95 25.03 -1.23
C LEU B 377 33.58 24.96 0.17
N ILE B 378 32.90 25.50 1.19
CA ILE B 378 33.48 25.53 2.57
C ILE B 378 33.49 24.09 3.12
N LEU B 379 32.41 23.33 2.96
CA LEU B 379 32.33 21.93 3.47
C LEU B 379 33.35 21.02 2.78
N GLU B 380 33.57 21.18 1.47
CA GLU B 380 34.47 20.30 0.66
C GLU B 380 35.94 20.66 0.91
N HIS B 381 36.24 21.78 1.55
CA HIS B 381 37.63 22.22 1.88
C HIS B 381 38.24 21.28 2.93
N GLU B 382 39.52 20.95 2.72
CA GLU B 382 40.28 19.95 3.53
C GLU B 382 40.36 20.38 5.00
N ALA B 383 40.30 21.67 5.27
CA ALA B 383 40.49 22.29 6.61
C ALA B 383 39.30 22.00 7.54
N ILE B 384 38.10 21.81 6.97
CA ILE B 384 36.84 21.53 7.73
C ILE B 384 36.85 20.11 8.28
N GLY B 385 36.73 19.96 9.60
CA GLY B 385 36.69 18.66 10.30
C GLY B 385 35.29 18.33 10.81
N ALA B 386 34.38 19.29 10.83
CA ALA B 386 33.03 19.09 11.39
C ALA B 386 32.07 20.19 10.93
N PHE B 387 30.77 19.89 11.06
CA PHE B 387 29.63 20.64 10.52
C PHE B 387 28.52 20.62 11.58
N VAL B 388 28.19 21.78 12.13
CA VAL B 388 27.05 21.89 13.08
C VAL B 388 25.81 22.25 12.24
N THR B 389 24.73 21.49 12.39
CA THR B 389 23.50 21.62 11.59
C THR B 389 22.25 21.24 12.38
N HIS B 390 21.09 21.53 11.83
CA HIS B 390 19.77 21.21 12.47
C HIS B 390 19.25 19.85 12.01
N CYS B 391 19.97 19.14 11.13
CA CYS B 391 19.61 17.79 10.66
C CYS B 391 18.40 17.82 9.71
N GLY B 392 18.11 18.93 9.05
CA GLY B 392 17.30 18.92 7.83
C GLY B 392 17.99 18.10 6.77
N TRP B 393 17.21 17.43 5.92
CA TRP B 393 17.79 16.41 5.01
C TRP B 393 18.70 17.07 3.99
N ASN B 394 18.36 18.25 3.48
CA ASN B 394 19.24 18.93 2.49
C ASN B 394 20.62 19.12 3.12
N SER B 395 20.67 19.57 4.38
CA SER B 395 21.94 19.87 5.09
C SER B 395 22.69 18.58 5.41
N THR B 396 21.99 17.56 5.89
CA THR B 396 22.60 16.24 6.16
C THR B 396 23.26 15.74 4.87
N LEU B 397 22.58 15.87 3.73
CA LEU B 397 23.12 15.35 2.45
C LEU B 397 24.42 16.06 2.07
N GLU B 398 24.51 17.37 2.29
CA GLU B 398 25.72 18.18 1.98
C GLU B 398 26.86 17.78 2.93
N GLY B 399 26.58 17.39 4.17
CA GLY B 399 27.57 16.77 5.06
C GLY B 399 28.08 15.41 4.54
N ILE B 400 27.16 14.52 4.16
CA ILE B 400 27.50 13.14 3.66
C ILE B 400 28.36 13.26 2.39
N THR B 401 28.03 14.22 1.54
CA THR B 401 28.57 14.41 0.18
C THR B 401 29.96 15.02 0.24
N ALA B 402 30.19 15.90 1.22
CA ALA B 402 31.50 16.53 1.52
C ALA B 402 32.33 15.62 2.42
N GLY B 403 31.71 14.59 3.00
CA GLY B 403 32.41 13.63 3.87
C GLY B 403 32.84 14.28 5.16
N VAL B 404 31.92 14.99 5.79
CA VAL B 404 32.17 15.75 7.05
C VAL B 404 31.25 15.19 8.13
N PRO B 405 31.81 14.79 9.30
CA PRO B 405 30.96 14.39 10.42
C PRO B 405 30.20 15.61 10.99
N MET B 406 29.09 15.33 11.69
CA MET B 406 28.08 16.36 12.00
C MET B 406 27.80 16.39 13.49
N VAL B 407 27.65 17.60 14.04
CA VAL B 407 26.98 17.81 15.35
C VAL B 407 25.51 18.02 15.02
N THR B 408 24.65 17.19 15.58
CA THR B 408 23.22 17.14 15.24
C THR B 408 22.45 17.93 16.29
N TRP B 409 21.72 18.93 15.82
CA TRP B 409 20.87 19.84 16.64
C TRP B 409 19.46 19.83 16.06
N PRO B 410 18.71 18.73 16.22
CA PRO B 410 17.36 18.64 15.67
C PRO B 410 16.42 19.64 16.35
N ILE B 411 15.52 20.26 15.58
CA ILE B 411 14.52 21.24 16.10
C ILE B 411 13.08 20.76 15.86
N PHE B 412 12.75 20.43 14.60
CA PHE B 412 11.34 20.22 14.18
C PHE B 412 11.33 19.30 12.94
N ALA B 413 10.16 19.17 12.31
CA ALA B 413 9.88 18.25 11.18
C ALA B 413 10.48 16.86 11.45
N GLU B 414 11.21 16.31 10.49
CA GLU B 414 11.72 14.91 10.49
C GLU B 414 13.13 14.88 11.12
N GLN B 415 13.61 16.00 11.70
CA GLN B 415 15.05 16.19 12.05
C GLN B 415 15.50 15.21 13.14
N PHE B 416 14.68 14.86 14.10
CA PHE B 416 15.00 13.90 15.20
C PHE B 416 15.19 12.49 14.64
N TYR B 417 14.52 12.13 13.54
CA TYR B 417 14.71 10.84 12.85
C TYR B 417 16.03 10.90 12.08
N ASN B 418 16.28 12.00 11.36
CA ASN B 418 17.55 12.25 10.62
C ASN B 418 18.71 12.17 11.60
N GLU B 419 18.52 12.67 12.83
CA GLU B 419 19.59 12.65 13.87
C GLU B 419 19.88 11.18 14.24
N LYS B 420 18.86 10.33 14.32
CA LYS B 420 19.06 8.89 14.64
C LYS B 420 19.82 8.24 13.46
N LEU B 421 19.55 8.63 12.21
CA LEU B 421 20.22 7.99 11.05
C LEU B 421 21.71 8.32 11.10
N VAL B 422 22.02 9.60 11.25
CA VAL B 422 23.37 10.19 11.32
C VAL B 422 24.18 9.65 12.52
N ASN B 423 23.61 9.56 13.73
CA ASN B 423 24.34 9.24 15.00
C ASN B 423 24.38 7.73 15.28
N GLN B 424 23.29 7.01 15.05
CA GLN B 424 23.14 5.59 15.50
C GLN B 424 23.33 4.60 14.35
N ILE B 425 23.14 4.98 13.09
CA ILE B 425 23.19 4.01 11.93
C ILE B 425 24.41 4.31 11.05
N LEU B 426 24.51 5.53 10.49
CA LEU B 426 25.69 5.97 9.71
C LEU B 426 26.89 6.18 10.65
N LYS B 427 26.59 6.57 11.90
CA LYS B 427 27.57 6.87 12.98
C LYS B 427 28.60 7.90 12.51
N ILE B 428 28.15 9.02 11.94
CA ILE B 428 29.06 10.12 11.49
C ILE B 428 28.73 11.38 12.27
N GLY B 429 28.02 11.26 13.39
CA GLY B 429 27.65 12.47 14.12
C GLY B 429 27.69 12.30 15.62
N VAL B 430 27.51 13.43 16.31
CA VAL B 430 27.42 13.56 17.78
C VAL B 430 26.25 14.49 18.10
N PRO B 431 25.33 14.08 19.01
CA PRO B 431 24.20 14.92 19.41
C PRO B 431 24.62 16.09 20.33
N VAL B 432 24.08 17.28 20.08
CA VAL B 432 24.30 18.47 20.95
C VAL B 432 23.44 18.31 22.22
N GLY B 433 22.40 17.49 22.18
CA GLY B 433 21.58 17.15 23.37
C GLY B 433 20.16 17.68 23.27
N ALA B 434 19.84 18.56 22.30
CA ALA B 434 18.48 19.01 21.93
C ALA B 434 17.58 17.79 21.76
N ASN B 435 16.46 17.75 22.48
CA ASN B 435 15.52 16.60 22.43
C ASN B 435 14.06 17.07 22.43
N LYS B 436 13.79 18.36 22.21
CA LYS B 436 12.39 18.88 22.28
C LYS B 436 11.96 19.36 20.88
N TRP B 437 11.02 18.66 20.26
CA TRP B 437 10.39 19.09 18.98
C TRP B 437 9.62 20.37 19.23
N SER B 438 9.84 21.42 18.42
CA SER B 438 9.17 22.74 18.59
C SER B 438 9.35 23.62 17.34
N ARG B 439 8.26 24.20 16.79
CA ARG B 439 8.34 25.19 15.68
C ARG B 439 8.37 26.62 16.26
N GLU B 440 8.02 26.80 17.54
CA GLU B 440 8.29 28.06 18.32
C GLU B 440 9.61 27.90 19.10
N THR B 441 10.34 28.98 19.38
CA THR B 441 11.65 28.92 20.07
C THR B 441 11.50 29.63 21.42
N SER B 442 11.44 28.84 22.49
CA SER B 442 11.29 29.28 23.90
C SER B 442 12.65 29.30 24.62
N ILE B 443 12.79 30.18 25.61
CA ILE B 443 14.07 30.40 26.37
C ILE B 443 14.42 29.11 27.08
N GLU B 444 13.42 28.31 27.48
CA GLU B 444 13.60 27.08 28.26
C GLU B 444 14.38 26.03 27.45
N ASP B 445 14.26 26.06 26.11
CA ASP B 445 14.79 25.04 25.17
C ASP B 445 16.14 25.48 24.64
N VAL B 446 16.62 26.66 25.03
CA VAL B 446 18.00 27.14 24.69
C VAL B 446 19.01 26.13 25.25
N ILE B 447 19.92 25.68 24.39
CA ILE B 447 20.97 24.69 24.74
C ILE B 447 22.13 25.51 25.28
N LYS B 448 22.65 25.13 26.46
CA LYS B 448 23.66 25.89 27.24
C LYS B 448 25.06 25.60 26.71
N LYS B 449 25.98 26.54 26.95
CA LYS B 449 27.43 26.48 26.64
C LYS B 449 28.00 25.08 26.91
N ASP B 450 27.79 24.51 28.10
CA ASP B 450 28.47 23.26 28.55
C ASP B 450 28.12 22.10 27.58
N ALA B 451 26.83 21.92 27.26
CA ALA B 451 26.33 20.90 26.32
C ALA B 451 26.98 21.15 24.95
N ILE B 452 26.94 22.39 24.47
CA ILE B 452 27.48 22.70 23.11
C ILE B 452 28.98 22.36 23.12
N GLU B 453 29.74 22.94 24.04
CA GLU B 453 31.21 22.76 24.19
C GLU B 453 31.60 21.28 24.25
N LYS B 454 30.83 20.46 24.95
CA LYS B 454 31.11 18.99 25.03
C LYS B 454 30.99 18.38 23.63
N ALA B 455 30.00 18.81 22.83
CA ALA B 455 29.77 18.25 21.48
C ALA B 455 30.89 18.73 20.53
N LEU B 456 31.27 20.01 20.57
CA LEU B 456 32.33 20.58 19.70
C LEU B 456 33.66 19.85 19.93
N ARG B 457 33.97 19.53 21.18
CA ARG B 457 35.21 18.84 21.56
C ARG B 457 35.10 17.42 21.02
N GLU B 458 33.96 16.77 21.28
CA GLU B 458 33.78 15.34 20.93
C GLU B 458 33.86 15.20 19.41
N ILE B 459 33.37 16.17 18.62
CA ILE B 459 33.29 15.96 17.14
C ILE B 459 34.67 16.19 16.53
N MET B 460 35.58 16.88 17.24
CA MET B 460 36.91 17.22 16.67
C MET B 460 37.98 16.27 17.22
N VAL B 461 38.04 16.04 18.54
CA VAL B 461 39.21 15.38 19.19
C VAL B 461 38.77 14.28 20.16
N GLY B 462 37.51 13.85 20.11
CA GLY B 462 36.97 12.68 20.83
C GLY B 462 37.62 11.40 20.35
N ASP B 463 37.56 10.35 21.17
CA ASP B 463 38.16 9.02 20.84
C ASP B 463 37.73 8.58 19.43
N GLU B 464 36.45 8.68 19.09
CA GLU B 464 35.90 8.08 17.84
C GLU B 464 35.87 9.14 16.74
N ALA B 465 36.41 10.34 16.96
CA ALA B 465 36.35 11.45 15.98
C ALA B 465 36.90 10.99 14.62
N GLU B 466 38.09 10.39 14.62
CA GLU B 466 38.80 9.94 13.39
C GLU B 466 37.98 8.86 12.69
N GLU B 467 37.31 7.99 13.44
CA GLU B 467 36.48 6.88 12.92
C GLU B 467 35.27 7.45 12.18
N ARG B 468 34.59 8.39 12.83
CA ARG B 468 33.46 9.13 12.23
C ARG B 468 33.93 9.77 10.93
N ARG B 469 35.11 10.40 10.95
CA ARG B 469 35.68 11.05 9.76
C ARG B 469 35.84 10.01 8.65
N SER B 470 36.36 8.82 8.94
CA SER B 470 36.62 7.78 7.92
C SER B 470 35.29 7.29 7.36
N ARG B 471 34.31 7.00 8.23
CA ARG B 471 32.94 6.56 7.84
C ARG B 471 32.33 7.62 6.94
N ALA B 472 32.52 8.89 7.28
CA ALA B 472 31.98 10.03 6.48
C ALA B 472 32.64 10.01 5.10
N LYS B 473 33.94 9.68 5.02
CA LYS B 473 34.69 9.66 3.72
C LYS B 473 34.18 8.52 2.82
N LYS B 474 33.84 7.38 3.41
CA LYS B 474 33.29 6.24 2.66
C LYS B 474 31.97 6.67 2.01
N LEU B 475 31.07 7.27 2.79
CA LEU B 475 29.71 7.66 2.33
C LEU B 475 29.86 8.68 1.20
N LYS B 476 30.83 9.58 1.31
CA LYS B 476 31.09 10.56 0.23
C LYS B 476 31.41 9.82 -1.06
N GLU B 477 32.34 8.86 -1.01
CA GLU B 477 32.76 8.10 -2.22
C GLU B 477 31.54 7.36 -2.77
N MET B 478 30.77 6.68 -1.92
CA MET B 478 29.51 5.98 -2.36
C MET B 478 28.48 6.94 -3.00
N ALA B 479 28.39 8.19 -2.53
CA ALA B 479 27.37 9.16 -2.95
C ALA B 479 27.63 9.57 -4.39
N TRP B 480 28.86 9.93 -4.70
CA TRP B 480 29.30 10.34 -6.06
C TRP B 480 29.14 9.16 -7.02
N LYS B 481 29.45 7.95 -6.55
CA LYS B 481 29.41 6.70 -7.35
C LYS B 481 27.95 6.38 -7.73
N ALA B 482 27.01 6.67 -6.84
CA ALA B 482 25.56 6.42 -7.01
C ALA B 482 25.00 7.25 -8.19
N VAL B 483 25.52 8.46 -8.40
CA VAL B 483 24.91 9.47 -9.31
C VAL B 483 25.60 9.43 -10.68
N GLU B 484 26.86 8.97 -10.76
CA GLU B 484 27.59 8.75 -12.03
C GLU B 484 26.99 7.54 -12.77
N GLU B 485 27.24 7.44 -14.07
CA GLU B 485 26.74 6.34 -14.95
C GLU B 485 27.04 5.00 -14.29
N GLY B 486 26.09 4.06 -14.30
CA GLY B 486 26.23 2.73 -13.66
C GLY B 486 25.88 2.76 -12.18
N GLY B 487 25.79 3.96 -11.58
CA GLY B 487 25.44 4.15 -10.16
C GLY B 487 24.00 3.79 -9.88
N SER B 488 23.69 3.40 -8.65
CA SER B 488 22.33 3.05 -8.18
C SER B 488 21.32 4.16 -8.55
N SER B 489 21.69 5.44 -8.42
CA SER B 489 20.73 6.57 -8.53
C SER B 489 20.57 6.94 -10.00
N TYR B 490 21.63 6.87 -10.79
CA TYR B 490 21.56 7.00 -12.27
C TYR B 490 20.59 5.94 -12.82
N SER B 491 20.84 4.66 -12.47
CA SER B 491 20.04 3.49 -12.90
C SER B 491 18.58 3.67 -12.49
N ASP B 492 18.33 4.03 -11.23
CA ASP B 492 16.92 4.11 -10.76
C ASP B 492 16.22 5.20 -11.59
N LEU B 493 16.90 6.30 -11.93
CA LEU B 493 16.29 7.39 -12.74
C LEU B 493 15.98 6.86 -14.15
N SER B 494 16.89 6.12 -14.77
CA SER B 494 16.71 5.46 -16.09
C SER B 494 15.47 4.57 -16.05
N ALA B 495 15.33 3.74 -15.01
CA ALA B 495 14.22 2.79 -14.87
C ALA B 495 12.90 3.54 -14.71
N LEU B 496 12.89 4.61 -13.93
CA LEU B 496 11.69 5.47 -13.73
C LEU B 496 11.23 6.01 -15.10
N ILE B 497 12.16 6.58 -15.87
CA ILE B 497 11.85 7.26 -17.17
C ILE B 497 11.30 6.21 -18.14
N GLU B 498 11.99 5.09 -18.29
CA GLU B 498 11.53 3.94 -19.10
C GLU B 498 10.09 3.59 -18.73
N GLU B 499 9.82 3.40 -17.45
CA GLU B 499 8.48 2.96 -16.94
C GLU B 499 7.42 4.04 -17.23
N LEU B 500 7.81 5.32 -17.18
CA LEU B 500 6.89 6.45 -17.55
C LEU B 500 6.59 6.42 -19.06
N ARG B 501 7.59 6.15 -19.90
CA ARG B 501 7.41 5.95 -21.37
C ARG B 501 6.39 4.84 -21.63
N GLY B 502 6.57 3.67 -21.02
CA GLY B 502 5.75 2.46 -21.20
C GLY B 502 4.35 2.57 -20.60
N TYR B 503 4.04 3.60 -19.81
CA TYR B 503 2.77 3.66 -19.04
C TYR B 503 1.57 3.93 -19.97
N HIS B 504 0.53 3.08 -19.90
CA HIS B 504 -0.63 3.03 -20.82
C HIS B 504 -1.88 2.61 -20.05
C4 EYO C . 4.47 -5.30 7.87
C5 EYO C . 3.75 -3.05 8.49
C6 EYO C . 2.72 -2.05 7.89
C7 EYO C . 1.55 -1.34 5.87
C8 EYO C . 1.65 -1.30 4.32
C10 EYO C . 2.32 -2.84 2.50
C9 EYO C . 2.72 -4.32 2.19
O1 EYO C . 3.35 -4.97 3.31
O5 EYO C . 1.52 -2.60 3.69
O4 EYO C . 2.68 -2.00 6.45
O3 EYO C . 4.42 -3.90 7.52
C3 EYO C . 5.02 -6.17 6.71
O2 EYO C . 4.05 -6.45 5.66
C2 EYO C . 4.57 -6.90 4.39
C1 EYO C . 3.93 -6.28 3.11
NA NA D . 2.81 -4.34 5.15
BR BR E . -3.97 -29.19 3.39
BR BR F . -7.28 -16.96 12.43
BR BR G . 20.97 10.49 18.91
BR BR H . 20.72 0.92 6.67
C1 EDO I . 6.95 15.57 9.17
O1 EDO I . 7.75 16.40 8.37
C2 EDO I . 6.50 16.18 10.44
O2 EDO I . 6.30 15.27 11.49
#